data_6MLX
#
_entry.id   6MLX
#
_cell.length_a   104.079
_cell.length_b   104.079
_cell.length_c   185.808
_cell.angle_alpha   90.000
_cell.angle_beta   90.000
_cell.angle_gamma   90.000
#
_symmetry.space_group_name_H-M   'P 43 21 2'
#
loop_
_entity.id
_entity.type
_entity.pdbx_description
1 polymer 'Leucine-rich repeat protein TpLRR'
2 water water
#
_entity_poly.entity_id   1
_entity_poly.type   'polypeptide(L)'
_entity_poly.pdbx_seq_one_letter_code
;SMGKETPAKFFQYGLTPDRDGIIITRYLGKGIAVVLPSQIDGLPVVEVATKAFYGCVSLVRVSLPSSVRMIGQHAFDGCT
KLARIELPDGLREIRHHAFHKCVSLAGIVFPRSLQVIGQDVFSSCGSLVDVVLPNSVKEIGSGAFRDCAELASVRLPVGV
KNLADGLFEGCRNLVELGNLPEKVSFGVGVFVGCYRLPDVLKRSVRKLGYKGEFAAA
;
_entity_poly.pdbx_strand_id   A,B,C,D
#
# COMPACT_ATOMS: atom_id res chain seq x y z
N LYS A 4 -29.83 11.88 -20.76
CA LYS A 4 -29.78 10.89 -21.82
C LYS A 4 -28.98 9.66 -21.33
N GLU A 5 -27.98 9.91 -20.48
CA GLU A 5 -26.96 8.97 -19.97
C GLU A 5 -27.07 7.50 -20.35
N THR A 6 -25.96 6.94 -20.82
CA THR A 6 -25.89 5.51 -21.14
C THR A 6 -26.08 4.70 -19.86
N PRO A 7 -27.02 3.74 -19.83
CA PRO A 7 -27.30 3.04 -18.57
C PRO A 7 -26.11 2.27 -18.06
N ALA A 8 -26.04 2.11 -16.74
CA ALA A 8 -24.85 1.51 -16.13
C ALA A 8 -24.58 0.10 -16.61
N LYS A 9 -25.60 -0.62 -17.09
CA LYS A 9 -25.41 -2.04 -17.39
C LYS A 9 -24.47 -2.26 -18.58
N PHE A 10 -24.22 -1.22 -19.38
CA PHE A 10 -23.22 -1.32 -20.44
C PHE A 10 -21.78 -1.09 -19.94
N PHE A 11 -21.56 -0.87 -18.64
CA PHE A 11 -20.21 -0.68 -18.10
C PHE A 11 -19.90 -1.66 -16.98
N GLN A 12 -18.65 -2.13 -16.96
CA GLN A 12 -18.04 -2.69 -15.78
C GLN A 12 -17.29 -1.58 -15.04
N TYR A 13 -17.34 -1.63 -13.72
CA TYR A 13 -16.81 -0.56 -12.86
C TYR A 13 -16.38 -1.13 -11.53
N GLY A 14 -15.53 -0.36 -10.84
CA GLY A 14 -15.20 -0.62 -9.45
C GLY A 14 -15.40 0.63 -8.61
N LEU A 15 -15.12 0.47 -7.32
CA LEU A 15 -15.08 1.58 -6.39
C LEU A 15 -13.69 2.20 -6.40
N THR A 16 -13.64 3.50 -6.09
CA THR A 16 -12.38 4.17 -5.83
C THR A 16 -11.89 3.81 -4.42
N PRO A 17 -10.55 3.88 -4.17
CA PRO A 17 -10.03 3.55 -2.83
C PRO A 17 -10.81 4.11 -1.63
N ASP A 18 -11.27 5.35 -1.66
CA ASP A 18 -11.95 5.86 -0.48
C ASP A 18 -13.48 5.74 -0.58
N ARG A 19 -13.99 4.83 -1.42
CA ARG A 19 -15.39 4.39 -1.37
C ARG A 19 -16.38 5.52 -1.65
N ASP A 20 -15.96 6.53 -2.41
CA ASP A 20 -16.77 7.70 -2.69
C ASP A 20 -17.06 7.91 -4.16
N GLY A 21 -16.48 7.10 -5.05
CA GLY A 21 -16.64 7.32 -6.48
C GLY A 21 -16.46 6.05 -7.27
N ILE A 22 -16.99 6.09 -8.50
CA ILE A 22 -17.00 4.95 -9.42
C ILE A 22 -15.90 5.13 -10.45
N ILE A 23 -15.09 4.09 -10.64
CA ILE A 23 -14.09 4.00 -11.70
C ILE A 23 -14.65 3.10 -12.79
N ILE A 24 -14.76 3.62 -14.02
CA ILE A 24 -15.29 2.82 -15.13
C ILE A 24 -14.15 2.02 -15.73
N THR A 25 -14.27 0.69 -15.69
CA THR A 25 -13.20 -0.19 -16.14
C THR A 25 -13.43 -0.76 -17.52
N ARG A 26 -14.68 -0.85 -17.98
CA ARG A 26 -14.89 -1.33 -19.33
C ARG A 26 -16.24 -0.86 -19.84
N TYR A 27 -16.28 -0.47 -21.11
CA TYR A 27 -17.53 -0.27 -21.82
C TYR A 27 -17.81 -1.53 -22.61
N LEU A 28 -18.99 -2.10 -22.40
CA LEU A 28 -19.36 -3.38 -22.99
C LEU A 28 -20.18 -3.25 -24.26
N GLY A 29 -20.92 -2.17 -24.42
CA GLY A 29 -21.81 -2.03 -25.56
C GLY A 29 -21.03 -1.77 -26.84
N LYS A 30 -21.80 -1.47 -27.89
CA LYS A 30 -21.24 -1.12 -29.19
C LYS A 30 -22.13 -0.08 -29.86
N GLY A 31 -22.60 0.90 -29.09
CA GLY A 31 -23.35 1.99 -29.67
C GLY A 31 -22.46 2.92 -30.46
N ILE A 32 -23.08 3.90 -31.10
CA ILE A 32 -22.31 4.91 -31.78
C ILE A 32 -22.01 6.10 -30.87
N ALA A 33 -22.65 6.14 -29.70
CA ALA A 33 -22.59 7.29 -28.81
C ALA A 33 -22.79 6.79 -27.38
N VAL A 34 -21.83 7.13 -26.52
CA VAL A 34 -21.90 6.88 -25.09
C VAL A 34 -21.97 8.23 -24.40
N VAL A 35 -22.93 8.38 -23.49
CA VAL A 35 -22.94 9.47 -22.53
C VAL A 35 -22.67 8.81 -21.19
N LEU A 36 -21.42 8.90 -20.74
CA LEU A 36 -21.02 8.30 -19.48
C LEU A 36 -21.84 8.87 -18.34
N PRO A 37 -22.51 8.03 -17.54
CA PRO A 37 -23.32 8.56 -16.43
C PRO A 37 -22.46 9.33 -15.44
N SER A 38 -23.01 10.43 -14.96
CA SER A 38 -22.32 11.21 -13.93
C SER A 38 -22.24 10.46 -12.60
N GLN A 39 -23.09 9.45 -12.41
CA GLN A 39 -23.11 8.70 -11.17
C GLN A 39 -23.58 7.26 -11.44
N ILE A 40 -23.13 6.34 -10.59
CA ILE A 40 -23.70 4.99 -10.53
C ILE A 40 -24.16 4.73 -9.11
N ASP A 41 -25.45 4.43 -8.95
CA ASP A 41 -26.05 4.13 -7.65
C ASP A 41 -25.60 5.12 -6.59
N GLY A 42 -25.77 6.40 -6.93
CA GLY A 42 -25.50 7.47 -6.00
C GLY A 42 -24.05 7.78 -5.78
N LEU A 43 -23.14 7.15 -6.52
CA LEU A 43 -21.77 7.62 -6.40
C LEU A 43 -21.31 8.27 -7.70
N PRO A 44 -20.50 9.34 -7.62
CA PRO A 44 -20.06 10.01 -8.84
C PRO A 44 -19.02 9.19 -9.60
N VAL A 45 -19.07 9.30 -10.92
CA VAL A 45 -18.14 8.60 -11.81
C VAL A 45 -16.93 9.51 -12.01
N VAL A 46 -15.78 9.12 -11.44
CA VAL A 46 -14.63 10.00 -11.32
C VAL A 46 -13.44 9.61 -12.19
N GLU A 47 -13.45 8.43 -12.80
CA GLU A 47 -12.28 7.98 -13.54
C GLU A 47 -12.70 7.05 -14.69
N VAL A 48 -12.04 7.20 -15.83
CA VAL A 48 -12.12 6.23 -16.93
C VAL A 48 -10.81 5.44 -16.90
N ALA A 49 -10.87 4.18 -16.47
CA ALA A 49 -9.68 3.40 -16.18
C ALA A 49 -8.91 2.98 -17.44
N THR A 50 -7.69 2.51 -17.21
CA THR A 50 -6.83 1.90 -18.21
C THR A 50 -7.60 1.05 -19.21
N LYS A 51 -7.47 1.37 -20.51
CA LYS A 51 -8.00 0.58 -21.62
C LYS A 51 -9.52 0.37 -21.56
N ALA A 52 -10.26 1.26 -20.90
CA ALA A 52 -11.69 1.00 -20.70
C ALA A 52 -12.46 1.02 -22.02
N PHE A 53 -12.06 1.85 -22.98
CA PHE A 53 -12.68 1.85 -24.30
C PHE A 53 -11.72 1.36 -25.37
N TYR A 54 -10.74 0.57 -24.96
CA TYR A 54 -9.72 0.07 -25.87
C TYR A 54 -10.35 -0.67 -27.05
N GLY A 55 -10.03 -0.24 -28.26
CA GLY A 55 -10.51 -0.89 -29.46
C GLY A 55 -11.98 -0.74 -29.78
N CYS A 56 -12.68 0.23 -29.18
CA CYS A 56 -14.12 0.35 -29.41
C CYS A 56 -14.36 1.09 -30.73
N VAL A 57 -14.14 0.36 -31.83
CA VAL A 57 -14.20 0.95 -33.17
C VAL A 57 -15.59 1.44 -33.54
N SER A 58 -16.61 1.10 -32.77
CA SER A 58 -17.97 1.55 -33.08
C SER A 58 -18.23 2.99 -32.67
N LEU A 59 -17.47 3.53 -31.72
CA LEU A 59 -17.82 4.81 -31.12
C LEU A 59 -17.52 5.97 -32.05
N VAL A 60 -18.47 6.89 -32.14
CA VAL A 60 -18.32 8.14 -32.88
C VAL A 60 -18.27 9.33 -31.95
N ARG A 61 -19.03 9.30 -30.86
CA ARG A 61 -19.10 10.39 -29.90
C ARG A 61 -19.12 9.81 -28.49
N VAL A 62 -18.35 10.43 -27.60
CA VAL A 62 -18.29 10.08 -26.19
C VAL A 62 -18.49 11.37 -25.39
N SER A 63 -19.33 11.32 -24.38
CA SER A 63 -19.53 12.45 -23.49
C SER A 63 -19.14 12.02 -22.08
N LEU A 64 -18.26 12.78 -21.45
CA LEU A 64 -17.89 12.45 -20.08
C LEU A 64 -18.48 13.47 -19.11
N PRO A 65 -18.90 13.02 -17.92
CA PRO A 65 -19.47 13.95 -16.93
C PRO A 65 -18.40 14.74 -16.21
N SER A 66 -18.82 15.92 -15.70
CA SER A 66 -17.89 16.81 -15.00
C SER A 66 -17.19 16.16 -13.81
N SER A 67 -17.74 15.07 -13.29
CA SER A 67 -17.13 14.34 -12.19
C SER A 67 -15.87 13.58 -12.57
N VAL A 68 -15.61 13.37 -13.87
CA VAL A 68 -14.44 12.58 -14.25
C VAL A 68 -13.18 13.43 -14.09
N ARG A 69 -12.26 12.95 -13.28
CA ARG A 69 -11.01 13.64 -12.97
C ARG A 69 -9.83 13.10 -13.77
N MET A 70 -9.92 11.87 -14.26
CA MET A 70 -8.77 11.14 -14.75
C MET A 70 -9.17 10.24 -15.91
N ILE A 71 -8.40 10.27 -16.99
CA ILE A 71 -8.52 9.32 -18.09
C ILE A 71 -7.24 8.50 -18.14
N GLY A 72 -7.38 7.19 -17.90
CA GLY A 72 -6.23 6.31 -17.73
C GLY A 72 -5.54 5.93 -19.04
N GLN A 73 -4.45 5.18 -18.89
CA GLN A 73 -3.60 4.89 -20.03
C GLN A 73 -4.34 4.05 -21.07
N HIS A 74 -4.10 4.35 -22.35
CA HIS A 74 -4.70 3.62 -23.46
C HIS A 74 -6.22 3.57 -23.35
N ALA A 75 -6.84 4.53 -22.65
CA ALA A 75 -8.29 4.45 -22.41
C ALA A 75 -9.09 4.38 -23.71
N PHE A 76 -8.72 5.18 -24.70
CA PHE A 76 -9.42 5.16 -25.99
C PHE A 76 -8.49 4.75 -27.12
N ASP A 77 -7.40 4.07 -26.81
CA ASP A 77 -6.50 3.51 -27.82
C ASP A 77 -7.30 2.66 -28.80
N GLY A 78 -7.24 3.02 -30.09
CA GLY A 78 -7.90 2.25 -31.12
C GLY A 78 -9.34 2.60 -31.40
N CYS A 79 -9.87 3.67 -30.82
CA CYS A 79 -11.24 4.09 -31.15
C CYS A 79 -11.22 4.84 -32.48
N THR A 80 -11.05 4.06 -33.56
CA THR A 80 -10.72 4.62 -34.86
C THR A 80 -11.85 5.46 -35.47
N LYS A 81 -13.07 5.37 -34.98
CA LYS A 81 -14.14 6.19 -35.49
C LYS A 81 -14.46 7.39 -34.61
N LEU A 82 -13.79 7.51 -33.45
CA LEU A 82 -14.12 8.57 -32.51
C LEU A 82 -13.87 9.94 -33.13
N ALA A 83 -14.94 10.72 -33.33
CA ALA A 83 -14.87 12.04 -33.95
C ALA A 83 -15.06 13.18 -32.96
N ARG A 84 -15.81 12.97 -31.87
CA ARG A 84 -15.98 13.99 -30.87
C ARG A 84 -15.95 13.36 -29.49
N ILE A 85 -15.34 14.06 -28.54
CA ILE A 85 -15.41 13.67 -27.15
C ILE A 85 -15.59 14.94 -26.32
N GLU A 86 -16.63 14.98 -25.51
CA GLU A 86 -16.91 16.13 -24.67
C GLU A 86 -16.13 15.97 -23.39
N LEU A 87 -15.12 16.79 -23.22
CA LEU A 87 -14.41 16.53 -21.98
C LEU A 87 -15.04 17.33 -20.86
N PRO A 88 -15.06 16.80 -19.65
CA PRO A 88 -15.65 17.52 -18.54
C PRO A 88 -14.76 18.66 -18.06
N ASP A 89 -15.37 19.68 -17.45
CA ASP A 89 -14.50 20.63 -16.75
C ASP A 89 -13.84 20.04 -15.52
N GLY A 90 -14.27 18.88 -15.02
CA GLY A 90 -13.48 18.31 -13.93
C GLY A 90 -12.15 17.67 -14.33
N LEU A 91 -11.90 17.45 -15.63
CA LEU A 91 -10.75 16.63 -16.02
C LEU A 91 -9.42 17.26 -15.60
N ARG A 92 -8.58 16.48 -14.93
CA ARG A 92 -7.26 16.91 -14.47
C ARG A 92 -6.10 16.27 -15.20
N GLU A 93 -6.23 15.02 -15.63
CA GLU A 93 -5.10 14.26 -16.16
C GLU A 93 -5.57 13.30 -17.25
N ILE A 94 -4.76 13.20 -18.31
CA ILE A 94 -4.96 12.23 -19.38
C ILE A 94 -3.66 11.43 -19.45
N ARG A 95 -3.74 10.13 -19.15
CA ARG A 95 -2.56 9.30 -19.05
C ARG A 95 -2.10 8.80 -20.42
N HIS A 96 -0.96 8.14 -20.44
CA HIS A 96 -0.25 7.94 -21.70
C HIS A 96 -1.05 7.07 -22.68
N HIS A 97 -0.92 7.39 -23.96
CA HIS A 97 -1.55 6.71 -25.08
C HIS A 97 -3.07 6.77 -25.04
N ALA A 98 -3.66 7.64 -24.23
CA ALA A 98 -5.10 7.58 -24.00
C ALA A 98 -5.91 7.67 -25.28
N PHE A 99 -5.41 8.40 -26.28
CA PHE A 99 -6.10 8.54 -27.57
C PHE A 99 -5.22 8.07 -28.72
N HIS A 100 -4.32 7.14 -28.43
CA HIS A 100 -3.46 6.58 -29.46
C HIS A 100 -4.30 6.00 -30.59
N LYS A 101 -3.94 6.36 -31.83
CA LYS A 101 -4.61 5.86 -33.04
C LYS A 101 -6.09 6.23 -33.12
N CYS A 102 -6.49 7.35 -32.51
CA CYS A 102 -7.85 7.86 -32.71
C CYS A 102 -7.82 8.71 -33.97
N VAL A 103 -7.84 8.01 -35.12
CA VAL A 103 -7.53 8.64 -36.40
C VAL A 103 -8.66 9.48 -36.95
N SER A 104 -9.83 9.49 -36.31
CA SER A 104 -10.96 10.31 -36.74
C SER A 104 -11.21 11.50 -35.83
N LEU A 105 -10.40 11.68 -34.80
CA LEU A 105 -10.57 12.79 -33.87
C LEU A 105 -10.03 14.03 -34.56
N ALA A 106 -10.92 14.90 -35.02
CA ALA A 106 -10.51 16.04 -35.81
C ALA A 106 -10.24 17.26 -34.94
N GLY A 107 -10.81 17.28 -33.74
CA GLY A 107 -10.64 18.41 -32.85
C GLY A 107 -10.96 17.97 -31.44
N ILE A 108 -10.46 18.74 -30.48
CA ILE A 108 -10.75 18.46 -29.08
C ILE A 108 -10.56 19.76 -28.32
N VAL A 109 -11.45 19.99 -27.36
CA VAL A 109 -11.43 21.21 -26.55
C VAL A 109 -11.04 20.80 -25.13
N PHE A 110 -9.92 21.29 -24.68
CA PHE A 110 -9.44 20.90 -23.35
C PHE A 110 -10.04 21.80 -22.27
N PRO A 111 -10.45 21.22 -21.15
CA PRO A 111 -11.06 22.01 -20.08
C PRO A 111 -10.04 22.85 -19.33
N ARG A 112 -10.54 23.92 -18.73
CA ARG A 112 -9.68 24.81 -17.94
C ARG A 112 -9.06 24.11 -16.75
N SER A 113 -9.47 22.89 -16.41
CA SER A 113 -8.92 22.17 -15.28
C SER A 113 -7.76 21.24 -15.64
N LEU A 114 -7.48 21.01 -16.92
CA LEU A 114 -6.51 19.98 -17.31
C LEU A 114 -5.10 20.36 -16.85
N GLN A 115 -4.47 19.46 -16.09
CA GLN A 115 -3.13 19.66 -15.53
C GLN A 115 -2.04 18.92 -16.30
N VAL A 116 -2.30 17.67 -16.68
CA VAL A 116 -1.26 16.71 -17.08
C VAL A 116 -1.71 15.99 -18.35
N ILE A 117 -0.83 15.98 -19.35
CA ILE A 117 -0.99 15.17 -20.55
C ILE A 117 0.22 14.22 -20.61
N GLY A 118 -0.04 12.92 -20.57
CA GLY A 118 1.02 11.93 -20.54
C GLY A 118 1.70 11.77 -21.89
N GLN A 119 2.67 10.84 -21.92
CA GLN A 119 3.38 10.54 -23.16
C GLN A 119 2.44 9.98 -24.22
N ASP A 120 2.68 10.36 -25.48
CA ASP A 120 2.05 9.74 -26.65
C ASP A 120 0.51 9.77 -26.60
N VAL A 121 -0.07 10.76 -25.93
CA VAL A 121 -1.52 10.73 -25.69
C VAL A 121 -2.27 10.82 -27.00
N PHE A 122 -1.84 11.68 -27.91
CA PHE A 122 -2.47 11.83 -29.21
C PHE A 122 -1.61 11.28 -30.33
N SER A 123 -0.75 10.31 -29.98
CA SER A 123 0.07 9.62 -30.97
C SER A 123 -0.82 9.05 -32.08
N SER A 124 -0.45 9.34 -33.33
CA SER A 124 -1.17 8.84 -34.51
C SER A 124 -2.62 9.31 -34.56
N CYS A 125 -2.93 10.46 -33.96
CA CYS A 125 -4.25 11.08 -34.18
C CYS A 125 -4.17 11.88 -35.48
N GLY A 126 -4.37 11.15 -36.59
CA GLY A 126 -4.08 11.66 -37.92
C GLY A 126 -5.08 12.67 -38.45
N SER A 127 -6.20 12.91 -37.77
CA SER A 127 -7.16 13.90 -38.21
C SER A 127 -7.14 15.17 -37.39
N LEU A 128 -6.39 15.20 -36.30
CA LEU A 128 -6.43 16.33 -35.39
C LEU A 128 -5.79 17.56 -36.04
N VAL A 129 -6.51 18.67 -36.07
CA VAL A 129 -6.12 19.86 -36.83
C VAL A 129 -5.60 20.96 -35.91
N ASP A 130 -6.44 21.44 -35.00
CA ASP A 130 -6.07 22.51 -34.08
C ASP A 130 -6.06 21.96 -32.66
N VAL A 131 -5.09 22.40 -31.86
CA VAL A 131 -5.16 22.16 -30.41
C VAL A 131 -4.74 23.43 -29.69
N VAL A 132 -5.51 23.74 -28.65
CA VAL A 132 -5.27 24.87 -27.78
C VAL A 132 -5.06 24.29 -26.39
N LEU A 133 -3.87 24.48 -25.85
CA LEU A 133 -3.57 23.97 -24.53
C LEU A 133 -3.81 25.09 -23.52
N PRO A 134 -4.75 24.94 -22.58
CA PRO A 134 -4.98 25.98 -21.56
C PRO A 134 -3.76 26.20 -20.69
N ASN A 135 -3.75 27.35 -20.02
CA ASN A 135 -2.61 27.69 -19.16
C ASN A 135 -2.52 26.78 -17.94
N SER A 136 -3.60 26.08 -17.58
CA SER A 136 -3.57 25.11 -16.49
C SER A 136 -2.66 23.92 -16.76
N VAL A 137 -2.37 23.64 -18.04
CA VAL A 137 -1.60 22.46 -18.40
C VAL A 137 -0.16 22.68 -17.97
N LYS A 138 0.27 21.95 -16.94
CA LYS A 138 1.60 22.08 -16.38
C LYS A 138 2.58 21.01 -16.88
N GLU A 139 2.08 19.88 -17.38
CA GLU A 139 2.92 18.74 -17.71
C GLU A 139 2.45 18.12 -19.02
N ILE A 140 3.35 18.02 -20.00
CA ILE A 140 3.06 17.43 -21.31
C ILE A 140 4.15 16.43 -21.65
N GLY A 141 3.78 15.15 -21.77
CA GLY A 141 4.75 14.10 -21.96
C GLY A 141 5.35 14.04 -23.36
N SER A 142 6.42 13.25 -23.46
CA SER A 142 7.10 13.09 -24.74
C SER A 142 6.17 12.45 -25.77
N GLY A 143 6.36 12.83 -27.04
CA GLY A 143 5.56 12.29 -28.12
C GLY A 143 4.07 12.57 -28.06
N ALA A 144 3.64 13.56 -27.27
CA ALA A 144 2.22 13.78 -27.03
C ALA A 144 1.44 13.98 -28.33
N PHE A 145 2.06 14.60 -29.34
CA PHE A 145 1.43 14.77 -30.63
C PHE A 145 2.22 14.10 -31.75
N ARG A 146 2.87 12.98 -31.42
CA ARG A 146 3.62 12.20 -32.40
C ARG A 146 2.72 11.77 -33.54
N ASP A 147 3.18 11.99 -34.77
CA ASP A 147 2.48 11.52 -35.98
C ASP A 147 1.06 12.07 -36.09
N CYS A 148 0.83 13.29 -35.60
CA CYS A 148 -0.40 14.00 -35.89
C CYS A 148 -0.21 14.71 -37.23
N ALA A 149 -0.42 13.95 -38.31
CA ALA A 149 -0.01 14.40 -39.63
C ALA A 149 -0.86 15.56 -40.15
N GLU A 150 -2.04 15.78 -39.58
CA GLU A 150 -2.88 16.90 -40.00
C GLU A 150 -2.85 18.08 -39.02
N LEU A 151 -2.11 17.95 -37.92
CA LEU A 151 -1.97 19.01 -36.92
C LEU A 151 -1.35 20.26 -37.53
N ALA A 152 -2.13 21.34 -37.64
CA ALA A 152 -1.68 22.57 -38.25
C ALA A 152 -1.29 23.64 -37.25
N SER A 153 -1.92 23.66 -36.08
CA SER A 153 -1.81 24.77 -35.14
C SER A 153 -1.86 24.26 -33.71
N VAL A 154 -0.87 24.65 -32.91
CA VAL A 154 -0.82 24.33 -31.48
C VAL A 154 -0.55 25.61 -30.71
N ARG A 155 -1.40 25.91 -29.74
CA ARG A 155 -1.13 26.98 -28.79
C ARG A 155 -0.65 26.34 -27.50
N LEU A 156 0.54 26.73 -27.05
CA LEU A 156 1.15 26.19 -25.85
C LEU A 156 0.61 26.90 -24.61
N PRO A 157 0.69 26.25 -23.45
CA PRO A 157 0.40 26.98 -22.20
C PRO A 157 1.41 28.10 -22.01
N VAL A 158 0.96 29.19 -21.40
CA VAL A 158 1.81 30.38 -21.29
C VAL A 158 3.10 30.07 -20.52
N GLY A 159 3.04 29.24 -19.49
CA GLY A 159 4.23 29.11 -18.67
C GLY A 159 5.16 27.96 -19.00
N VAL A 160 4.98 27.35 -20.19
CA VAL A 160 5.59 26.05 -20.46
C VAL A 160 7.10 26.13 -20.36
N LYS A 161 7.69 25.20 -19.61
CA LYS A 161 9.12 25.25 -19.35
C LYS A 161 9.96 24.34 -20.25
N ASN A 162 9.39 23.27 -20.77
CA ASN A 162 10.13 22.39 -21.67
C ASN A 162 9.19 21.85 -22.73
N LEU A 163 9.75 21.58 -23.90
CA LEU A 163 9.07 20.79 -24.93
C LEU A 163 9.70 19.40 -24.92
N ALA A 164 8.93 18.41 -24.52
CA ALA A 164 9.45 17.07 -24.26
C ALA A 164 9.94 16.39 -25.54
N ASP A 165 10.63 15.28 -25.35
CA ASP A 165 11.20 14.51 -26.46
C ASP A 165 10.14 14.18 -27.51
N GLY A 166 10.47 14.44 -28.76
CA GLY A 166 9.62 14.07 -29.88
C GLY A 166 8.19 14.60 -29.80
N LEU A 167 7.99 15.72 -29.10
CA LEU A 167 6.64 16.21 -28.84
C LEU A 167 5.85 16.35 -30.15
N PHE A 168 6.45 16.94 -31.18
CA PHE A 168 5.79 17.15 -32.47
C PHE A 168 6.43 16.33 -33.59
N GLU A 169 7.04 15.19 -33.25
CA GLU A 169 7.65 14.33 -34.25
C GLU A 169 6.62 13.84 -35.26
N GLY A 170 6.93 14.02 -36.54
CA GLY A 170 6.03 13.59 -37.59
C GLY A 170 4.86 14.49 -37.85
N CYS A 171 4.84 15.71 -37.30
CA CYS A 171 3.75 16.66 -37.54
C CYS A 171 4.11 17.45 -38.79
N ARG A 172 3.94 16.79 -39.93
CA ARG A 172 4.40 17.36 -41.19
C ARG A 172 3.56 18.53 -41.68
N ASN A 173 2.38 18.78 -41.08
CA ASN A 173 1.58 19.93 -41.47
C ASN A 173 1.58 21.05 -40.43
N LEU A 174 2.43 20.95 -39.41
CA LEU A 174 2.46 21.94 -38.35
C LEU A 174 3.08 23.24 -38.86
N VAL A 175 2.32 24.33 -38.77
CA VAL A 175 2.83 25.62 -39.22
C VAL A 175 2.74 26.72 -38.18
N GLU A 176 1.97 26.56 -37.11
CA GLU A 176 1.73 27.61 -36.14
C GLU A 176 1.92 27.06 -34.74
N LEU A 177 2.74 27.76 -33.95
CA LEU A 177 3.06 27.37 -32.58
C LEU A 177 2.87 28.63 -31.74
N GLY A 178 1.68 28.79 -31.18
CA GLY A 178 1.38 29.98 -30.41
C GLY A 178 1.88 29.89 -28.97
N ASN A 179 2.05 31.07 -28.36
CA ASN A 179 2.51 31.13 -26.98
C ASN A 179 3.88 30.51 -26.80
N LEU A 180 4.73 30.66 -27.80
CA LEU A 180 6.09 30.20 -27.65
C LEU A 180 6.79 31.09 -26.63
N PRO A 181 7.43 30.54 -25.62
CA PRO A 181 7.93 31.38 -24.52
C PRO A 181 9.18 32.15 -24.88
N GLU A 182 9.54 33.06 -23.98
CA GLU A 182 10.78 33.80 -24.08
C GLU A 182 11.98 32.92 -23.71
N LYS A 183 11.73 31.83 -22.99
CA LYS A 183 12.78 30.90 -22.61
C LYS A 183 12.13 29.55 -22.38
N VAL A 184 12.74 28.49 -22.92
CA VAL A 184 12.20 27.15 -22.83
C VAL A 184 13.34 26.18 -23.09
N SER A 185 13.21 24.96 -22.59
CA SER A 185 14.17 23.89 -22.83
C SER A 185 13.59 22.87 -23.79
N PHE A 186 14.46 22.28 -24.61
CA PHE A 186 14.03 21.35 -25.63
C PHE A 186 14.54 19.95 -25.34
N GLY A 187 13.64 18.97 -25.37
CA GLY A 187 14.04 17.59 -25.44
C GLY A 187 14.59 17.26 -26.82
N VAL A 188 14.82 15.97 -27.02
CA VAL A 188 15.47 15.47 -28.22
C VAL A 188 14.46 15.32 -29.34
N GLY A 189 14.81 15.80 -30.54
CA GLY A 189 13.99 15.60 -31.72
C GLY A 189 12.59 16.17 -31.61
N VAL A 190 12.42 17.31 -30.93
CA VAL A 190 11.10 17.89 -30.73
C VAL A 190 10.35 18.04 -32.06
N PHE A 191 11.03 18.60 -33.08
CA PHE A 191 10.39 18.98 -34.33
C PHE A 191 10.82 18.12 -35.52
N VAL A 192 11.31 16.90 -35.27
CA VAL A 192 11.63 15.97 -36.35
C VAL A 192 10.41 15.74 -37.23
N GLY A 193 10.62 15.82 -38.54
CA GLY A 193 9.56 15.59 -39.52
C GLY A 193 8.61 16.75 -39.71
N CYS A 194 8.84 17.90 -39.08
CA CYS A 194 7.94 19.06 -39.18
C CYS A 194 8.34 19.89 -40.40
N TYR A 195 7.99 19.37 -41.57
CA TYR A 195 8.47 19.95 -42.83
C TYR A 195 7.90 21.33 -43.12
N ARG A 196 6.75 21.68 -42.54
CA ARG A 196 6.06 22.89 -42.94
C ARG A 196 6.24 24.06 -41.98
N LEU A 197 7.11 23.95 -40.98
CA LEU A 197 7.33 25.08 -40.07
C LEU A 197 7.81 26.30 -40.86
N PRO A 198 7.17 27.46 -40.72
CA PRO A 198 7.63 28.66 -41.42
C PRO A 198 9.00 29.10 -40.93
N ASP A 199 9.68 29.87 -41.79
CA ASP A 199 11.05 30.29 -41.48
C ASP A 199 11.11 31.15 -40.23
N VAL A 200 10.16 32.08 -40.07
CA VAL A 200 10.19 32.93 -38.88
C VAL A 200 10.04 32.08 -37.62
N LEU A 201 9.25 31.00 -37.71
CA LEU A 201 9.12 30.11 -36.57
C LEU A 201 10.42 29.38 -36.29
N LYS A 202 10.96 28.70 -37.31
CA LYS A 202 12.25 28.02 -37.17
C LYS A 202 13.33 28.91 -36.57
N ARG A 203 13.36 30.19 -36.97
CA ARG A 203 14.39 31.08 -36.43
C ARG A 203 14.14 31.40 -34.96
N SER A 204 12.89 31.68 -34.56
CA SER A 204 12.68 31.99 -33.15
C SER A 204 12.91 30.76 -32.28
N VAL A 205 12.72 29.56 -32.84
CA VAL A 205 13.00 28.33 -32.11
C VAL A 205 14.50 28.11 -31.97
N ARG A 206 15.27 28.31 -33.05
CA ARG A 206 16.72 28.22 -32.92
C ARG A 206 17.23 29.25 -31.92
N LYS A 207 16.70 30.48 -31.99
CA LYS A 207 17.06 31.54 -31.03
C LYS A 207 16.76 31.13 -29.60
N LEU A 208 15.71 30.34 -29.37
CA LEU A 208 15.47 29.80 -28.04
C LEU A 208 16.43 28.67 -27.67
N GLY A 209 17.24 28.16 -28.60
CA GLY A 209 18.28 27.21 -28.29
C GLY A 209 18.07 25.79 -28.78
N TYR A 210 17.07 25.54 -29.62
CA TYR A 210 16.90 24.21 -30.18
C TYR A 210 18.07 23.89 -31.10
N LYS A 211 18.67 22.71 -30.93
CA LYS A 211 19.74 22.23 -31.79
C LYS A 211 19.35 20.95 -32.52
N GLY A 212 18.10 20.50 -32.40
CA GLY A 212 17.68 19.26 -33.04
C GLY A 212 17.31 19.48 -34.49
N GLU A 213 16.69 18.45 -35.08
CA GLU A 213 16.35 18.48 -36.50
C GLU A 213 14.93 19.00 -36.72
N PHE A 214 14.79 19.82 -37.74
CA PHE A 214 13.47 20.22 -38.23
C PHE A 214 12.89 19.22 -39.23
N ALA A 215 13.64 18.20 -39.60
CA ALA A 215 13.12 17.21 -40.54
C ALA A 215 13.65 15.82 -40.22
N LYS B 4 27.88 7.26 -24.33
CA LYS B 4 26.46 7.03 -24.66
C LYS B 4 25.61 6.83 -23.40
N GLU B 5 24.50 7.56 -23.32
CA GLU B 5 23.57 7.46 -22.21
C GLU B 5 22.56 6.35 -22.47
N THR B 6 22.12 5.70 -21.39
CA THR B 6 21.02 4.75 -21.50
C THR B 6 19.77 5.49 -21.96
N PRO B 7 19.08 5.02 -23.00
CA PRO B 7 17.90 5.75 -23.50
C PRO B 7 16.84 5.91 -22.42
N ALA B 8 16.10 7.03 -22.48
CA ALA B 8 15.09 7.32 -21.47
C ALA B 8 13.98 6.26 -21.39
N LYS B 9 13.78 5.48 -22.47
CA LYS B 9 12.72 4.47 -22.46
C LYS B 9 12.96 3.38 -21.42
N PHE B 10 14.21 3.19 -20.98
CA PHE B 10 14.46 2.18 -19.95
C PHE B 10 14.21 2.69 -18.54
N PHE B 11 13.64 3.88 -18.39
CA PHE B 11 13.34 4.44 -17.08
C PHE B 11 11.89 4.87 -16.98
N GLN B 12 11.33 4.75 -15.78
CA GLN B 12 10.14 5.48 -15.39
C GLN B 12 10.55 6.69 -14.56
N TYR B 13 9.84 7.80 -14.78
CA TYR B 13 10.26 9.08 -14.23
C TYR B 13 9.08 10.05 -14.24
N GLY B 14 9.20 11.09 -13.43
CA GLY B 14 8.22 12.14 -13.31
C GLY B 14 8.90 13.46 -13.04
N LEU B 15 8.11 14.51 -12.89
CA LEU B 15 8.60 15.85 -12.65
C LEU B 15 8.82 16.12 -11.16
N THR B 16 9.75 17.02 -10.85
CA THR B 16 9.86 17.57 -9.51
C THR B 16 8.66 18.46 -9.22
N PRO B 17 8.41 18.80 -7.96
CA PRO B 17 7.35 19.77 -7.66
C PRO B 17 7.46 21.07 -8.46
N ASP B 18 8.66 21.64 -8.62
CA ASP B 18 8.75 22.88 -9.38
C ASP B 18 8.70 22.67 -10.89
N ARG B 19 8.66 21.42 -11.36
CA ARG B 19 8.58 21.02 -12.77
C ARG B 19 9.81 21.47 -13.56
N ASP B 20 10.91 21.75 -12.86
CA ASP B 20 12.20 22.12 -13.45
C ASP B 20 13.17 20.95 -13.55
N GLY B 21 12.84 19.77 -13.01
CA GLY B 21 13.76 18.66 -13.02
C GLY B 21 13.04 17.33 -13.13
N ILE B 22 13.82 16.27 -13.31
CA ILE B 22 13.31 14.92 -13.55
C ILE B 22 13.70 14.04 -12.37
N ILE B 23 12.74 13.25 -11.88
CA ILE B 23 12.95 12.27 -10.83
C ILE B 23 12.90 10.88 -11.47
N ILE B 24 13.99 10.13 -11.36
CA ILE B 24 14.01 8.75 -11.86
C ILE B 24 13.36 7.85 -10.82
N THR B 25 12.24 7.23 -11.18
CA THR B 25 11.54 6.37 -10.23
C THR B 25 11.77 4.90 -10.46
N ARG B 26 12.21 4.49 -11.66
CA ARG B 26 12.47 3.06 -11.79
C ARG B 26 13.33 2.80 -13.01
N TYR B 27 14.33 1.94 -12.85
CA TYR B 27 15.08 1.43 -13.99
C TYR B 27 14.41 0.15 -14.45
N LEU B 28 14.13 0.07 -15.76
CA LEU B 28 13.33 -1.02 -16.31
C LEU B 28 14.18 -2.09 -16.99
N GLY B 29 15.47 -1.85 -17.19
CA GLY B 29 16.28 -2.75 -17.96
C GLY B 29 16.85 -3.89 -17.14
N LYS B 30 17.63 -4.71 -17.84
CA LYS B 30 18.36 -5.84 -17.29
C LYS B 30 19.83 -5.73 -17.68
N GLY B 31 20.29 -4.48 -17.90
CA GLY B 31 21.59 -4.28 -18.52
C GLY B 31 22.74 -4.42 -17.55
N ILE B 32 23.94 -4.57 -18.12
CA ILE B 32 25.13 -4.73 -17.30
C ILE B 32 25.66 -3.36 -16.86
N ALA B 33 25.49 -2.35 -17.69
CA ALA B 33 25.89 -1.00 -17.35
C ALA B 33 24.72 -0.09 -17.66
N VAL B 34 24.61 0.97 -16.85
CA VAL B 34 23.61 2.01 -17.04
C VAL B 34 24.32 3.34 -16.95
N VAL B 35 24.14 4.18 -17.95
CA VAL B 35 24.57 5.58 -17.87
C VAL B 35 23.29 6.40 -17.81
N LEU B 36 23.00 6.93 -16.63
CA LEU B 36 21.75 7.65 -16.45
C LEU B 36 21.81 8.96 -17.22
N PRO B 37 20.80 9.26 -18.03
CA PRO B 37 20.88 10.45 -18.88
C PRO B 37 21.00 11.71 -18.04
N SER B 38 21.74 12.66 -18.59
CA SER B 38 21.93 13.95 -17.98
C SER B 38 20.62 14.74 -17.97
N GLN B 39 19.83 14.57 -19.02
CA GLN B 39 18.56 15.24 -19.22
C GLN B 39 17.55 14.26 -19.81
N ILE B 40 16.28 14.46 -19.49
CA ILE B 40 15.17 13.79 -20.15
C ILE B 40 14.12 14.86 -20.44
N ASP B 41 13.56 14.83 -21.64
CA ASP B 41 12.54 15.79 -22.05
C ASP B 41 13.04 17.23 -21.90
N GLY B 42 14.35 17.44 -22.07
CA GLY B 42 14.96 18.74 -21.95
C GLY B 42 15.15 19.24 -20.53
N LEU B 43 14.84 18.43 -19.49
CA LEU B 43 14.95 18.81 -18.08
C LEU B 43 16.03 18.00 -17.38
N PRO B 44 16.83 18.62 -16.51
CA PRO B 44 17.93 17.90 -15.86
C PRO B 44 17.43 16.82 -14.90
N VAL B 45 18.16 15.71 -14.87
CA VAL B 45 17.83 14.62 -13.96
C VAL B 45 18.43 14.90 -12.60
N VAL B 46 17.57 15.09 -11.59
CA VAL B 46 18.02 15.61 -10.30
C VAL B 46 17.84 14.63 -9.14
N GLU B 47 17.15 13.51 -9.34
CA GLU B 47 16.93 12.57 -8.23
C GLU B 47 16.80 11.16 -8.76
N VAL B 48 17.43 10.23 -8.04
CA VAL B 48 17.16 8.80 -8.17
C VAL B 48 16.30 8.44 -6.95
N ALA B 49 15.03 8.13 -7.18
CA ALA B 49 14.10 8.04 -6.06
C ALA B 49 14.10 6.64 -5.46
N THR B 50 13.34 6.50 -4.37
CA THR B 50 13.10 5.25 -3.63
C THR B 50 13.07 4.03 -4.54
N LYS B 51 13.97 3.08 -4.27
CA LYS B 51 13.94 1.76 -4.89
C LYS B 51 14.06 1.79 -6.42
N ALA B 52 14.57 2.88 -6.99
CA ALA B 52 14.62 2.98 -8.45
C ALA B 52 15.40 1.83 -9.08
N PHE B 53 16.52 1.41 -8.46
CA PHE B 53 17.27 0.24 -8.92
C PHE B 53 17.21 -0.93 -7.92
N TYR B 54 16.10 -1.07 -7.19
CA TYR B 54 15.99 -2.11 -6.17
C TYR B 54 16.09 -3.51 -6.79
N GLY B 55 16.97 -4.33 -6.24
CA GLY B 55 17.11 -5.70 -6.68
C GLY B 55 17.69 -5.89 -8.06
N CYS B 56 18.28 -4.86 -8.65
CA CYS B 56 18.83 -4.98 -10.00
C CYS B 56 20.18 -5.72 -9.94
N VAL B 57 20.08 -7.03 -9.74
CA VAL B 57 21.26 -7.88 -9.59
C VAL B 57 22.09 -7.97 -10.86
N SER B 58 21.56 -7.58 -12.02
CA SER B 58 22.38 -7.73 -13.23
C SER B 58 23.35 -6.58 -13.40
N LEU B 59 23.14 -5.47 -12.68
CA LEU B 59 23.94 -4.26 -12.84
C LEU B 59 25.35 -4.42 -12.29
N VAL B 60 26.35 -4.11 -13.11
CA VAL B 60 27.74 -4.11 -12.70
C VAL B 60 28.28 -2.70 -12.53
N ARG B 61 27.90 -1.79 -13.43
CA ARG B 61 28.37 -0.42 -13.35
C ARG B 61 27.21 0.53 -13.60
N VAL B 62 27.14 1.59 -12.82
CA VAL B 62 26.18 2.64 -13.06
C VAL B 62 26.89 3.99 -12.95
N SER B 63 26.50 4.90 -13.83
CA SER B 63 26.98 6.27 -13.81
C SER B 63 25.78 7.21 -13.66
N LEU B 64 25.85 8.15 -12.69
CA LEU B 64 24.85 9.17 -12.39
C LEU B 64 25.32 10.54 -12.87
N PRO B 65 24.46 11.31 -13.53
CA PRO B 65 24.87 12.66 -13.96
C PRO B 65 24.99 13.61 -12.79
N SER B 66 25.83 14.64 -12.98
CA SER B 66 26.23 15.49 -11.86
C SER B 66 25.05 16.27 -11.27
N SER B 67 23.93 16.39 -12.00
CA SER B 67 22.77 17.13 -11.51
C SER B 67 21.93 16.36 -10.50
N VAL B 68 22.19 15.08 -10.27
CA VAL B 68 21.45 14.34 -9.26
C VAL B 68 21.87 14.81 -7.88
N ARG B 69 20.92 15.32 -7.10
CA ARG B 69 21.20 15.82 -5.76
C ARG B 69 20.80 14.86 -4.67
N MET B 70 19.97 13.86 -4.98
CA MET B 70 19.37 12.98 -3.99
C MET B 70 19.37 11.55 -4.51
N ILE B 71 19.81 10.63 -3.67
CA ILE B 71 19.61 9.20 -3.88
C ILE B 71 18.69 8.75 -2.75
N GLY B 72 17.50 8.26 -3.12
CA GLY B 72 16.46 7.96 -2.17
C GLY B 72 16.65 6.60 -1.50
N GLN B 73 15.76 6.28 -0.57
CA GLN B 73 15.93 5.09 0.24
C GLN B 73 15.91 3.83 -0.63
N HIS B 74 16.72 2.84 -0.24
CA HIS B 74 16.80 1.54 -0.92
C HIS B 74 17.07 1.68 -2.42
N ALA B 75 17.65 2.79 -2.88
CA ALA B 75 17.75 3.03 -4.32
C ALA B 75 18.52 1.91 -5.02
N PHE B 76 19.63 1.46 -4.44
CA PHE B 76 20.41 0.37 -5.01
C PHE B 76 20.47 -0.83 -4.09
N ASP B 77 19.54 -0.91 -3.14
CA ASP B 77 19.46 -2.05 -2.22
C ASP B 77 19.41 -3.36 -3.00
N GLY B 78 20.30 -4.29 -2.67
CA GLY B 78 20.31 -5.58 -3.33
C GLY B 78 20.90 -5.63 -4.72
N CYS B 79 21.64 -4.61 -5.14
CA CYS B 79 22.38 -4.66 -6.40
C CYS B 79 23.68 -5.40 -6.13
N THR B 80 23.59 -6.73 -6.17
CA THR B 80 24.64 -7.53 -5.58
C THR B 80 25.86 -7.69 -6.49
N LYS B 81 25.75 -7.36 -7.78
CA LYS B 81 26.91 -7.40 -8.66
C LYS B 81 27.46 -6.01 -8.94
N LEU B 82 26.83 -4.95 -8.42
CA LEU B 82 27.29 -3.59 -8.64
C LEU B 82 28.69 -3.42 -8.06
N ALA B 83 29.67 -3.19 -8.94
CA ALA B 83 31.09 -3.11 -8.57
C ALA B 83 31.59 -1.67 -8.48
N ARG B 84 30.97 -0.75 -9.20
CA ARG B 84 31.44 0.61 -9.25
C ARG B 84 30.26 1.53 -9.56
N ILE B 85 30.21 2.66 -8.86
CA ILE B 85 29.26 3.73 -9.16
C ILE B 85 29.99 5.07 -9.18
N GLU B 86 29.75 5.85 -10.24
CA GLU B 86 30.20 7.24 -10.31
C GLU B 86 29.09 8.10 -9.74
N LEU B 87 29.31 8.62 -8.55
CA LEU B 87 28.35 9.44 -7.84
C LEU B 87 28.32 10.84 -8.42
N PRO B 88 27.20 11.53 -8.28
CA PRO B 88 27.08 12.86 -8.90
C PRO B 88 27.77 13.96 -8.12
N ASP B 89 28.35 14.90 -8.86
CA ASP B 89 29.00 16.04 -8.25
C ASP B 89 28.04 16.85 -7.39
N GLY B 90 26.77 16.93 -7.77
CA GLY B 90 25.77 17.65 -7.01
C GLY B 90 25.11 16.89 -5.89
N LEU B 91 25.53 15.66 -5.61
CA LEU B 91 24.86 14.83 -4.62
C LEU B 91 24.92 15.48 -3.25
N ARG B 92 23.77 15.64 -2.64
CA ARG B 92 23.72 16.20 -1.30
C ARG B 92 23.27 15.20 -0.25
N GLU B 93 22.48 14.20 -0.61
CA GLU B 93 21.96 13.27 0.39
C GLU B 93 21.80 11.86 -0.19
N ILE B 94 22.14 10.86 0.62
CA ILE B 94 21.87 9.45 0.35
C ILE B 94 20.98 8.94 1.48
N ARG B 95 19.77 8.52 1.13
CA ARG B 95 18.79 8.11 2.13
C ARG B 95 18.99 6.65 2.54
N HIS B 96 18.21 6.22 3.55
CA HIS B 96 18.53 4.99 4.27
C HIS B 96 18.54 3.78 3.33
N HIS B 97 19.43 2.83 3.64
CA HIS B 97 19.55 1.56 2.93
C HIS B 97 19.87 1.71 1.44
N ALA B 98 20.35 2.86 0.98
CA ALA B 98 20.46 3.07 -0.47
C ALA B 98 21.44 2.10 -1.11
N PHE B 99 22.48 1.68 -0.41
CA PHE B 99 23.41 0.71 -0.97
C PHE B 99 23.51 -0.57 -0.15
N HIS B 100 22.44 -0.89 0.59
CA HIS B 100 22.41 -2.09 1.43
C HIS B 100 22.61 -3.36 0.60
N LYS B 101 23.43 -4.28 1.12
CA LYS B 101 23.75 -5.54 0.44
C LYS B 101 24.31 -5.35 -0.97
N CYS B 102 24.99 -4.23 -1.23
CA CYS B 102 25.77 -4.10 -2.46
C CYS B 102 27.14 -4.75 -2.23
N VAL B 103 27.12 -6.09 -2.23
CA VAL B 103 28.24 -6.87 -1.70
C VAL B 103 29.45 -6.85 -2.61
N SER B 104 29.29 -6.46 -3.88
CA SER B 104 30.38 -6.37 -4.83
C SER B 104 30.90 -4.95 -4.99
N LEU B 105 30.32 -3.99 -4.28
CA LEU B 105 30.75 -2.62 -4.47
C LEU B 105 32.18 -2.46 -3.96
N ALA B 106 33.13 -2.24 -4.88
CA ALA B 106 34.55 -2.33 -4.57
C ALA B 106 35.10 -1.03 -3.98
N GLY B 107 34.45 0.08 -4.26
CA GLY B 107 34.87 1.34 -3.71
C GLY B 107 33.76 2.35 -3.88
N ILE B 108 33.99 3.52 -3.32
CA ILE B 108 33.04 4.62 -3.46
C ILE B 108 33.83 5.90 -3.30
N VAL B 109 33.66 6.81 -4.25
CA VAL B 109 34.30 8.13 -4.21
C VAL B 109 33.20 9.14 -3.99
N PHE B 110 33.24 9.78 -2.89
CA PHE B 110 32.19 10.69 -2.53
C PHE B 110 32.43 12.06 -3.14
N PRO B 111 31.38 12.74 -3.52
CA PRO B 111 31.53 14.09 -4.10
C PRO B 111 31.70 15.12 -3.00
N ARG B 112 32.10 16.32 -3.44
CA ARG B 112 32.60 17.34 -2.51
C ARG B 112 31.51 18.02 -1.71
N SER B 113 30.23 17.83 -2.04
CA SER B 113 29.15 18.56 -1.36
C SER B 113 28.16 17.64 -0.65
N LEU B 114 28.45 16.35 -0.53
CA LEU B 114 27.57 15.45 0.20
C LEU B 114 27.38 15.95 1.63
N GLN B 115 26.13 16.10 2.04
CA GLN B 115 25.81 16.61 3.37
C GLN B 115 25.35 15.52 4.33
N VAL B 116 24.57 14.56 3.83
CA VAL B 116 23.83 13.63 4.68
C VAL B 116 23.96 12.22 4.13
N ILE B 117 24.36 11.29 5.00
CA ILE B 117 24.25 9.86 4.75
C ILE B 117 23.28 9.30 5.78
N GLY B 118 22.23 8.64 5.31
CA GLY B 118 21.20 8.11 6.19
C GLY B 118 21.63 6.82 6.87
N GLN B 119 20.66 6.21 7.56
CA GLN B 119 20.96 5.00 8.33
C GLN B 119 21.21 3.82 7.39
N ASP B 120 22.17 2.98 7.76
CA ASP B 120 22.39 1.68 7.13
C ASP B 120 22.68 1.79 5.64
N VAL B 121 23.19 2.93 5.18
CA VAL B 121 23.29 3.18 3.74
C VAL B 121 24.24 2.20 3.07
N PHE B 122 25.41 1.96 3.67
CA PHE B 122 26.37 1.02 3.12
C PHE B 122 26.40 -0.27 3.92
N SER B 123 25.29 -0.61 4.55
CA SER B 123 25.18 -1.83 5.33
C SER B 123 25.39 -3.06 4.46
N SER B 124 26.26 -3.96 4.93
CA SER B 124 26.59 -5.22 4.25
C SER B 124 27.25 -4.98 2.90
N CYS B 125 28.00 -3.88 2.75
CA CYS B 125 28.86 -3.72 1.58
C CYS B 125 30.22 -4.34 1.91
N GLY B 126 30.29 -5.66 1.75
CA GLY B 126 31.40 -6.50 2.17
C GLY B 126 32.65 -6.41 1.33
N SER B 127 32.61 -5.65 0.23
CA SER B 127 33.76 -5.44 -0.64
C SER B 127 34.40 -4.08 -0.48
N LEU B 128 33.76 -3.17 0.26
CA LEU B 128 34.35 -1.87 0.55
C LEU B 128 35.59 -2.05 1.42
N VAL B 129 36.68 -1.39 1.04
CA VAL B 129 37.95 -1.53 1.75
C VAL B 129 38.42 -0.19 2.34
N ASP B 130 38.30 0.89 1.58
CA ASP B 130 38.77 2.20 2.02
C ASP B 130 37.66 3.23 1.78
N VAL B 131 37.40 4.06 2.78
CA VAL B 131 36.36 5.09 2.69
C VAL B 131 36.91 6.42 3.17
N VAL B 132 36.77 7.45 2.34
CA VAL B 132 37.15 8.81 2.70
C VAL B 132 35.87 9.64 2.65
N LEU B 133 35.38 10.04 3.81
CA LEU B 133 34.19 10.87 3.89
C LEU B 133 34.57 12.34 3.71
N PRO B 134 33.96 13.04 2.75
CA PRO B 134 34.33 14.45 2.54
C PRO B 134 33.95 15.31 3.73
N ASN B 135 34.69 16.41 3.90
CA ASN B 135 34.50 17.30 5.03
C ASN B 135 33.15 18.01 5.01
N SER B 136 32.45 17.98 3.87
CA SER B 136 31.12 18.59 3.79
C SER B 136 30.06 17.81 4.56
N VAL B 137 30.33 16.54 4.90
CA VAL B 137 29.31 15.67 5.48
C VAL B 137 28.99 16.12 6.90
N LYS B 138 27.69 16.35 7.16
CA LYS B 138 27.15 16.82 8.43
C LYS B 138 26.55 15.70 9.27
N GLU B 139 25.86 14.74 8.64
CA GLU B 139 25.13 13.68 9.32
C GLU B 139 25.51 12.33 8.72
N ILE B 140 25.79 11.36 9.57
CA ILE B 140 26.00 9.98 9.17
C ILE B 140 25.12 9.10 10.05
N GLY B 141 24.18 8.40 9.44
CA GLY B 141 23.17 7.70 10.19
C GLY B 141 23.68 6.43 10.87
N SER B 142 22.89 5.97 11.84
CA SER B 142 23.24 4.76 12.58
C SER B 142 23.48 3.61 11.61
N GLY B 143 24.50 2.81 11.92
CA GLY B 143 24.77 1.63 11.12
C GLY B 143 25.16 1.89 9.68
N ALA B 144 25.65 3.09 9.33
CA ALA B 144 25.91 3.40 7.93
C ALA B 144 26.95 2.47 7.31
N PHE B 145 27.88 1.95 8.12
CA PHE B 145 28.85 0.97 7.62
C PHE B 145 28.76 -0.35 8.38
N ARG B 146 27.58 -0.68 8.89
CA ARG B 146 27.37 -1.96 9.56
C ARG B 146 27.72 -3.11 8.60
N ASP B 147 28.46 -4.08 9.12
CA ASP B 147 28.76 -5.34 8.42
C ASP B 147 29.53 -5.11 7.13
N CYS B 148 30.36 -4.07 7.12
CA CYS B 148 31.33 -3.89 6.05
C CYS B 148 32.60 -4.65 6.45
N ALA B 149 32.59 -5.95 6.17
CA ALA B 149 33.52 -6.86 6.80
C ALA B 149 34.94 -6.74 6.28
N GLU B 150 35.16 -6.05 5.15
CA GLU B 150 36.50 -5.81 4.62
C GLU B 150 36.93 -4.35 4.70
N LEU B 151 36.09 -3.48 5.25
CA LEU B 151 36.46 -2.08 5.43
C LEU B 151 37.62 -1.95 6.41
N ALA B 152 38.76 -1.45 5.92
CA ALA B 152 39.95 -1.36 6.77
C ALA B 152 40.24 0.05 7.26
N SER B 153 39.87 1.05 6.48
CA SER B 153 40.26 2.43 6.73
C SER B 153 39.10 3.38 6.41
N VAL B 154 38.80 4.28 7.33
CA VAL B 154 37.74 5.26 7.18
C VAL B 154 38.26 6.62 7.60
N ARG B 155 38.09 7.63 6.76
CA ARG B 155 38.45 8.99 7.13
C ARG B 155 37.17 9.77 7.45
N LEU B 156 37.06 10.22 8.69
CA LEU B 156 35.90 10.98 9.12
C LEU B 156 35.96 12.41 8.57
N PRO B 157 34.80 13.05 8.42
CA PRO B 157 34.81 14.51 8.25
C PRO B 157 35.56 15.17 9.39
N VAL B 158 36.39 16.18 9.07
CA VAL B 158 37.14 16.87 10.13
C VAL B 158 36.17 17.43 11.18
N GLY B 159 35.03 17.91 10.75
CA GLY B 159 34.10 18.51 11.67
C GLY B 159 33.19 17.59 12.43
N VAL B 160 33.43 16.26 12.40
CA VAL B 160 32.46 15.32 12.95
C VAL B 160 32.38 15.46 14.45
N LYS B 161 31.17 15.35 14.99
CA LYS B 161 30.99 15.43 16.43
C LYS B 161 30.21 14.28 17.06
N ASN B 162 29.59 13.39 16.27
CA ASN B 162 28.98 12.19 16.81
C ASN B 162 29.22 11.00 15.86
N LEU B 163 29.44 9.84 16.45
CA LEU B 163 29.48 8.55 15.75
C LEU B 163 28.24 7.77 16.14
N ALA B 164 27.33 7.56 15.19
CA ALA B 164 25.99 7.08 15.47
C ALA B 164 26.00 5.61 15.92
N ASP B 165 24.85 5.19 16.48
CA ASP B 165 24.67 3.80 16.92
C ASP B 165 25.16 2.81 15.88
N GLY B 166 26.01 1.88 16.31
CA GLY B 166 26.49 0.81 15.46
C GLY B 166 27.04 1.24 14.11
N LEU B 167 27.66 2.44 14.07
CA LEU B 167 28.18 2.96 12.81
C LEU B 167 29.10 1.97 12.11
N PHE B 168 30.00 1.34 12.88
CA PHE B 168 30.97 0.39 12.36
C PHE B 168 30.75 -1.01 12.92
N GLU B 169 29.51 -1.31 13.30
CA GLU B 169 29.21 -2.63 13.82
C GLU B 169 29.58 -3.72 12.82
N GLY B 170 30.35 -4.70 13.27
CA GLY B 170 30.73 -5.81 12.42
C GLY B 170 31.83 -5.51 11.43
N CYS B 171 32.54 -4.40 11.57
CA CYS B 171 33.65 -4.07 10.67
C CYS B 171 34.94 -4.69 11.22
N ARG B 172 35.01 -6.02 11.08
CA ARG B 172 36.03 -6.79 11.77
C ARG B 172 37.43 -6.54 11.21
N ASN B 173 37.56 -5.84 10.08
CA ASN B 173 38.86 -5.51 9.53
C ASN B 173 39.22 -4.03 9.70
N LEU B 174 38.39 -3.26 10.41
CA LEU B 174 38.68 -1.83 10.57
C LEU B 174 39.95 -1.64 11.38
N VAL B 175 40.91 -0.90 10.83
CA VAL B 175 42.17 -0.74 11.55
C VAL B 175 42.55 0.73 11.63
N GLU B 176 41.85 1.60 10.90
CA GLU B 176 42.21 3.01 10.84
C GLU B 176 40.95 3.87 10.83
N LEU B 177 40.94 4.90 11.68
CA LEU B 177 39.83 5.86 11.74
C LEU B 177 40.47 7.24 11.81
N GLY B 178 40.62 7.87 10.64
CA GLY B 178 41.31 9.14 10.56
C GLY B 178 40.38 10.32 10.86
N ASN B 179 40.99 11.45 11.22
CA ASN B 179 40.26 12.68 11.58
C ASN B 179 39.40 12.51 12.83
N LEU B 180 39.84 11.69 13.77
CA LEU B 180 39.22 11.70 15.08
C LEU B 180 39.46 13.05 15.73
N PRO B 181 38.42 13.76 16.17
CA PRO B 181 38.61 15.11 16.73
C PRO B 181 38.94 15.10 18.22
N GLU B 182 39.15 16.29 18.80
CA GLU B 182 39.47 16.37 20.22
C GLU B 182 38.27 15.99 21.08
N LYS B 183 37.07 16.08 20.54
CA LYS B 183 35.87 15.82 21.31
C LYS B 183 34.85 15.19 20.38
N VAL B 184 34.25 14.08 20.82
CA VAL B 184 33.28 13.37 20.01
C VAL B 184 32.40 12.55 20.92
N SER B 185 31.14 12.42 20.55
CA SER B 185 30.21 11.58 21.29
C SER B 185 29.99 10.29 20.52
N PHE B 186 29.70 9.23 21.26
CA PHE B 186 29.51 7.91 20.67
C PHE B 186 28.10 7.42 20.98
N GLY B 187 27.43 6.87 19.97
CA GLY B 187 26.21 6.13 20.20
C GLY B 187 26.49 4.76 20.79
N VAL B 188 25.44 3.97 20.85
CA VAL B 188 25.51 2.62 21.40
C VAL B 188 26.20 1.69 20.40
N GLY B 189 27.17 0.92 20.89
CA GLY B 189 27.79 -0.14 20.10
C GLY B 189 28.44 0.28 18.80
N VAL B 190 29.07 1.45 18.78
CA VAL B 190 29.71 1.95 17.56
C VAL B 190 30.70 0.94 17.00
N PHE B 191 31.49 0.30 17.88
CA PHE B 191 32.59 -0.55 17.47
C PHE B 191 32.37 -2.01 17.83
N VAL B 192 31.11 -2.41 18.09
CA VAL B 192 30.81 -3.81 18.33
C VAL B 192 31.33 -4.63 17.15
N GLY B 193 32.06 -5.70 17.45
CA GLY B 193 32.59 -6.55 16.42
C GLY B 193 33.79 -6.00 15.69
N CYS B 194 34.34 -4.88 16.14
CA CYS B 194 35.49 -4.25 15.48
C CYS B 194 36.75 -4.84 16.07
N TYR B 195 36.97 -6.09 15.68
CA TYR B 195 37.85 -7.07 16.28
C TYR B 195 39.33 -6.80 16.00
N ARG B 196 39.65 -5.91 15.06
CA ARG B 196 41.04 -5.63 14.71
C ARG B 196 41.48 -4.19 14.96
N LEU B 197 40.68 -3.39 15.65
CA LEU B 197 41.13 -2.04 16.00
C LEU B 197 42.43 -2.15 16.79
N PRO B 198 43.49 -1.44 16.37
CA PRO B 198 44.74 -1.49 17.13
C PRO B 198 44.57 -0.93 18.55
N ASP B 199 45.39 -1.43 19.47
CA ASP B 199 45.32 -0.98 20.85
C ASP B 199 45.38 0.55 20.94
N VAL B 200 46.26 1.19 20.18
CA VAL B 200 46.37 2.65 20.25
C VAL B 200 45.02 3.29 19.94
N LEU B 201 44.28 2.74 18.96
CA LEU B 201 43.00 3.32 18.57
C LEU B 201 41.91 2.99 19.59
N LYS B 202 41.92 1.78 20.15
CA LYS B 202 40.99 1.46 21.24
C LYS B 202 41.18 2.43 22.40
N ARG B 203 42.43 2.74 22.73
CA ARG B 203 42.72 3.70 23.79
C ARG B 203 42.22 5.10 23.43
N SER B 204 42.51 5.56 22.20
CA SER B 204 42.02 6.88 21.77
C SER B 204 40.51 7.01 21.93
N VAL B 205 39.76 6.01 21.43
CA VAL B 205 38.30 6.17 21.48
C VAL B 205 37.78 5.99 22.89
N ARG B 206 38.44 5.15 23.71
CA ARG B 206 38.06 5.06 25.11
C ARG B 206 38.26 6.39 25.83
N LYS B 207 39.42 7.04 25.63
CA LYS B 207 39.68 8.32 26.27
C LYS B 207 38.75 9.40 25.75
N LEU B 208 38.33 9.31 24.49
CA LEU B 208 37.32 10.23 23.98
C LEU B 208 35.94 9.98 24.61
N GLY B 209 35.73 8.85 25.27
CA GLY B 209 34.52 8.62 26.03
C GLY B 209 33.66 7.44 25.60
N TYR B 210 34.18 6.59 24.72
CA TYR B 210 33.45 5.41 24.29
C TYR B 210 33.41 4.37 25.42
N LYS B 211 32.19 3.89 25.72
CA LYS B 211 32.00 2.89 26.78
C LYS B 211 31.63 1.51 26.25
N GLY B 212 31.27 1.41 24.97
CA GLY B 212 30.73 0.18 24.44
C GLY B 212 31.79 -0.90 24.31
N GLU B 213 31.43 -1.93 23.57
CA GLU B 213 32.25 -3.12 23.38
C GLU B 213 33.02 -3.06 22.06
N PHE B 214 34.17 -3.75 22.04
CA PHE B 214 34.91 -4.05 20.82
C PHE B 214 34.71 -5.48 20.33
N ALA B 215 34.43 -6.41 21.26
CA ALA B 215 34.13 -7.80 20.92
C ALA B 215 32.81 -7.88 20.14
N ALA B 216 32.67 -8.99 19.40
CA ALA B 216 31.50 -9.24 18.58
C ALA B 216 30.30 -9.66 19.42
N LYS C 4 -10.01 -18.70 34.78
CA LYS C 4 -10.79 -18.71 36.02
C LYS C 4 -11.99 -17.78 35.89
N GLU C 5 -13.07 -18.11 36.59
CA GLU C 5 -14.35 -17.41 36.44
C GLU C 5 -14.37 -16.11 37.24
N THR C 6 -15.25 -15.20 36.79
CA THR C 6 -15.52 -13.99 37.54
C THR C 6 -16.44 -14.32 38.72
N PRO C 7 -16.11 -13.85 39.93
CA PRO C 7 -16.90 -14.27 41.10
C PRO C 7 -18.35 -13.84 40.98
N ALA C 8 -19.24 -14.68 41.50
CA ALA C 8 -20.68 -14.41 41.42
C ALA C 8 -21.04 -13.05 42.00
N LYS C 9 -20.28 -12.56 42.98
CA LYS C 9 -20.62 -11.31 43.65
C LYS C 9 -20.64 -10.12 42.69
N PHE C 10 -20.01 -10.23 41.53
CA PHE C 10 -19.98 -9.15 40.56
C PHE C 10 -21.20 -9.11 39.65
N PHE C 11 -22.22 -9.93 39.91
CA PHE C 11 -23.43 -9.95 39.09
C PHE C 11 -24.67 -9.89 39.95
N GLN C 12 -25.70 -9.22 39.42
CA GLN C 12 -27.07 -9.33 39.90
C GLN C 12 -27.78 -10.39 39.06
N TYR C 13 -28.44 -11.35 39.74
CA TYR C 13 -29.07 -12.50 39.10
C TYR C 13 -30.32 -12.92 39.86
N GLY C 14 -31.10 -13.80 39.22
CA GLY C 14 -32.32 -14.36 39.79
C GLY C 14 -32.52 -15.78 39.29
N LEU C 15 -33.64 -16.38 39.70
CA LEU C 15 -34.00 -17.72 39.27
C LEU C 15 -34.86 -17.66 37.99
N THR C 16 -34.76 -18.71 37.16
CA THR C 16 -35.72 -18.88 36.08
C THR C 16 -37.07 -19.22 36.68
N PRO C 17 -38.15 -19.05 35.91
CA PRO C 17 -39.48 -19.41 36.43
C PRO C 17 -39.57 -20.82 37.01
N ASP C 18 -38.88 -21.78 36.40
CA ASP C 18 -38.86 -23.15 36.92
C ASP C 18 -37.80 -23.36 38.00
N ARG C 19 -36.94 -22.37 38.25
CA ARG C 19 -35.88 -22.46 39.25
C ARG C 19 -34.86 -23.56 38.91
N ASP C 20 -34.69 -23.87 37.61
CA ASP C 20 -33.68 -24.80 37.15
C ASP C 20 -32.43 -24.09 36.59
N GLY C 21 -32.34 -22.78 36.75
CA GLY C 21 -31.24 -22.02 36.15
C GLY C 21 -31.18 -20.61 36.68
N ILE C 22 -30.07 -19.95 36.36
CA ILE C 22 -29.75 -18.60 36.84
C ILE C 22 -29.82 -17.62 35.68
N ILE C 23 -30.53 -16.51 35.88
CA ILE C 23 -30.65 -15.44 34.89
C ILE C 23 -29.80 -14.28 35.35
N ILE C 24 -28.76 -13.94 34.59
CA ILE C 24 -27.89 -12.83 34.92
C ILE C 24 -28.56 -11.52 34.50
N THR C 25 -28.83 -10.65 35.47
CA THR C 25 -29.59 -9.44 35.18
C THR C 25 -28.72 -8.18 35.11
N ARG C 26 -27.52 -8.18 35.70
CA ARG C 26 -26.69 -6.98 35.61
C ARG C 26 -25.25 -7.33 35.98
N TYR C 27 -24.29 -6.75 35.26
CA TYR C 27 -22.87 -6.86 35.60
C TYR C 27 -22.46 -5.61 36.36
N LEU C 28 -21.97 -5.79 37.60
CA LEU C 28 -21.66 -4.66 38.48
C LEU C 28 -20.18 -4.26 38.40
N GLY C 29 -19.30 -5.16 37.97
CA GLY C 29 -17.89 -4.88 37.95
C GLY C 29 -17.54 -3.85 36.89
N LYS C 30 -16.26 -3.48 36.87
CA LYS C 30 -15.73 -2.66 35.78
C LYS C 30 -14.45 -3.27 35.24
N GLY C 31 -14.35 -4.59 35.26
CA GLY C 31 -13.14 -5.26 34.78
C GLY C 31 -12.86 -4.99 33.30
N ILE C 32 -11.69 -5.46 32.88
CA ILE C 32 -11.33 -5.44 31.48
C ILE C 32 -11.80 -6.70 30.78
N ALA C 33 -11.86 -7.82 31.50
CA ALA C 33 -12.34 -9.08 30.97
C ALA C 33 -13.34 -9.65 31.96
N VAL C 34 -14.23 -10.49 31.44
CA VAL C 34 -15.22 -11.17 32.26
C VAL C 34 -15.39 -12.58 31.71
N VAL C 35 -15.36 -13.57 32.59
CA VAL C 35 -15.74 -14.94 32.27
C VAL C 35 -16.98 -15.24 33.09
N LEU C 36 -18.13 -15.31 32.44
CA LEU C 36 -19.36 -15.57 33.16
C LEU C 36 -19.27 -16.95 33.82
N PRO C 37 -19.58 -17.04 35.11
CA PRO C 37 -19.59 -18.37 35.76
C PRO C 37 -20.54 -19.31 35.07
N SER C 38 -20.12 -20.57 34.95
CA SER C 38 -20.96 -21.59 34.36
C SER C 38 -22.15 -21.89 35.25
N GLN C 39 -21.98 -21.74 36.57
CA GLN C 39 -23.01 -22.06 37.55
C GLN C 39 -22.95 -21.06 38.68
N ILE C 40 -24.10 -20.89 39.32
CA ILE C 40 -24.26 -20.07 40.52
C ILE C 40 -25.24 -20.82 41.39
N ASP C 41 -24.89 -20.98 42.68
CA ASP C 41 -25.70 -21.74 43.63
C ASP C 41 -26.04 -23.14 43.12
N GLY C 42 -25.13 -23.75 42.36
CA GLY C 42 -25.37 -25.10 41.87
C GLY C 42 -26.39 -25.20 40.74
N LEU C 43 -26.66 -24.10 40.05
CA LEU C 43 -27.60 -24.08 38.93
C LEU C 43 -26.92 -23.50 37.70
N PRO C 44 -27.25 -24.02 36.51
CA PRO C 44 -26.60 -23.50 35.30
C PRO C 44 -27.03 -22.07 35.00
N VAL C 45 -26.09 -21.29 34.47
CA VAL C 45 -26.39 -19.94 34.00
C VAL C 45 -26.92 -20.05 32.56
N VAL C 46 -28.17 -19.63 32.35
CA VAL C 46 -28.89 -19.94 31.12
C VAL C 46 -29.30 -18.69 30.32
N GLU C 47 -29.22 -17.49 30.88
CA GLU C 47 -29.63 -16.29 30.15
C GLU C 47 -28.81 -15.11 30.62
N VAL C 48 -28.44 -14.25 29.68
CA VAL C 48 -27.91 -12.93 29.95
C VAL C 48 -29.03 -11.94 29.61
N ALA C 49 -29.67 -11.39 30.64
CA ALA C 49 -30.95 -10.70 30.45
C ALA C 49 -30.77 -9.31 29.87
N THR C 50 -31.92 -8.65 29.65
CA THR C 50 -31.98 -7.29 29.12
C THR C 50 -30.98 -6.36 29.77
N LYS C 51 -30.19 -5.69 28.93
CA LYS C 51 -29.29 -4.60 29.35
C LYS C 51 -28.34 -5.03 30.49
N ALA C 52 -28.03 -6.33 30.57
CA ALA C 52 -27.18 -6.80 31.67
C ALA C 52 -25.81 -6.13 31.65
N PHE C 53 -25.25 -5.95 30.45
CA PHE C 53 -23.96 -5.28 30.28
C PHE C 53 -24.11 -3.95 29.56
N TYR C 54 -25.30 -3.35 29.60
CA TYR C 54 -25.57 -2.11 28.91
C TYR C 54 -24.58 -1.04 29.34
N GLY C 55 -23.87 -0.45 28.37
CA GLY C 55 -22.97 0.64 28.63
C GLY C 55 -21.68 0.30 29.37
N CYS C 56 -21.30 -0.98 29.46
CA CYS C 56 -20.09 -1.37 30.19
C CYS C 56 -18.87 -1.16 29.29
N VAL C 57 -18.42 0.09 29.21
CA VAL C 57 -17.33 0.50 28.32
C VAL C 57 -15.96 -0.01 28.76
N SER C 58 -15.85 -0.59 29.96
CA SER C 58 -14.55 -1.12 30.40
C SER C 58 -14.23 -2.45 29.73
N LEU C 59 -15.25 -3.24 29.38
CA LEU C 59 -15.05 -4.60 28.92
C LEU C 59 -14.35 -4.63 27.58
N VAL C 60 -13.35 -5.52 27.47
CA VAL C 60 -12.66 -5.76 26.21
C VAL C 60 -12.88 -7.19 25.71
N ARG C 61 -13.00 -8.17 26.59
CA ARG C 61 -13.34 -9.52 26.17
C ARG C 61 -14.30 -10.12 27.19
N VAL C 62 -15.25 -10.91 26.69
CA VAL C 62 -16.27 -11.56 27.50
C VAL C 62 -16.38 -13.01 27.04
N SER C 63 -16.49 -13.92 27.99
CA SER C 63 -16.73 -15.32 27.69
C SER C 63 -18.03 -15.75 28.34
N LEU C 64 -18.90 -16.41 27.57
CA LEU C 64 -20.13 -16.89 28.16
C LEU C 64 -20.12 -18.40 28.28
N PRO C 65 -20.65 -18.95 29.37
CA PRO C 65 -20.64 -20.40 29.55
C PRO C 65 -21.59 -21.10 28.60
N SER C 66 -21.25 -22.35 28.29
CA SER C 66 -21.97 -23.13 27.29
C SER C 66 -23.48 -23.18 27.54
N SER C 67 -23.94 -23.02 28.77
CA SER C 67 -25.35 -23.22 29.06
C SER C 67 -26.23 -21.99 28.77
N VAL C 68 -25.66 -20.86 28.35
CA VAL C 68 -26.44 -19.65 28.10
C VAL C 68 -27.17 -19.77 26.76
N ARG C 69 -28.50 -19.77 26.80
CA ARG C 69 -29.38 -19.96 25.64
C ARG C 69 -29.80 -18.64 24.99
N MET C 70 -29.79 -17.56 25.77
CA MET C 70 -30.51 -16.35 25.41
C MET C 70 -29.65 -15.16 25.78
N ILE C 71 -29.42 -14.27 24.82
CA ILE C 71 -28.83 -12.97 25.09
C ILE C 71 -29.92 -11.94 24.86
N GLY C 72 -30.34 -11.26 25.93
CA GLY C 72 -31.50 -10.40 25.89
C GLY C 72 -31.28 -9.07 25.19
N GLN C 73 -32.38 -8.32 25.10
CA GLN C 73 -32.43 -6.95 24.58
C GLN C 73 -31.25 -6.12 25.05
N HIS C 74 -30.56 -5.48 24.12
CA HIS C 74 -29.59 -4.44 24.44
C HIS C 74 -28.53 -4.93 25.44
N ALA C 75 -28.28 -6.24 25.45
CA ALA C 75 -27.49 -6.83 26.53
C ALA C 75 -26.09 -6.24 26.59
N PHE C 76 -25.45 -6.08 25.43
CA PHE C 76 -24.13 -5.45 25.35
C PHE C 76 -24.19 -4.13 24.60
N ASP C 77 -25.37 -3.52 24.54
CA ASP C 77 -25.52 -2.22 23.90
C ASP C 77 -24.59 -1.21 24.57
N GLY C 78 -23.70 -0.64 23.77
CA GLY C 78 -22.79 0.39 24.25
C GLY C 78 -21.50 -0.12 24.85
N CYS C 79 -21.14 -1.37 24.61
CA CYS C 79 -19.84 -1.89 25.06
C CYS C 79 -18.81 -1.52 23.99
N THR C 80 -18.41 -0.25 24.04
CA THR C 80 -17.68 0.34 22.94
C THR C 80 -16.24 -0.15 22.82
N LYS C 81 -15.72 -0.86 23.82
CA LYS C 81 -14.37 -1.44 23.73
C LYS C 81 -14.40 -2.96 23.63
N LEU C 82 -15.58 -3.57 23.61
CA LEU C 82 -15.69 -5.02 23.52
C LEU C 82 -15.08 -5.50 22.22
N ALA C 83 -13.95 -6.19 22.31
CA ALA C 83 -13.23 -6.63 21.12
C ALA C 83 -13.44 -8.10 20.79
N ARG C 84 -13.69 -8.94 21.79
CA ARG C 84 -13.94 -10.36 21.58
C ARG C 84 -15.01 -10.84 22.55
N ILE C 85 -15.93 -11.67 22.06
CA ILE C 85 -16.87 -12.37 22.92
C ILE C 85 -16.92 -13.82 22.47
N GLU C 86 -16.71 -14.74 23.42
CA GLU C 86 -16.88 -16.19 23.17
C GLU C 86 -18.34 -16.53 23.44
N LEU C 87 -19.07 -16.87 22.37
CA LEU C 87 -20.48 -17.14 22.47
C LEU C 87 -20.71 -18.54 23.03
N PRO C 88 -21.84 -18.76 23.71
CA PRO C 88 -22.12 -20.08 24.28
C PRO C 88 -22.48 -21.08 23.20
N ASP C 89 -22.04 -22.34 23.38
CA ASP C 89 -22.43 -23.38 22.46
C ASP C 89 -23.92 -23.65 22.51
N GLY C 90 -24.55 -23.43 23.65
CA GLY C 90 -25.98 -23.62 23.71
C GLY C 90 -26.81 -22.42 23.29
N LEU C 91 -26.19 -21.40 22.69
CA LEU C 91 -26.89 -20.17 22.37
C LEU C 91 -27.95 -20.40 21.30
N ARG C 92 -29.17 -19.93 21.57
CA ARG C 92 -30.29 -20.10 20.65
C ARG C 92 -30.82 -18.80 20.08
N GLU C 93 -30.79 -17.71 20.84
CA GLU C 93 -31.41 -16.46 20.42
C GLU C 93 -30.61 -15.27 20.92
N ILE C 94 -30.48 -14.27 20.06
CA ILE C 94 -29.91 -12.98 20.41
C ILE C 94 -31.00 -11.95 20.12
N ARG C 95 -31.54 -11.33 21.17
CA ARG C 95 -32.65 -10.40 21.01
C ARG C 95 -32.16 -9.04 20.53
N HIS C 96 -33.11 -8.14 20.26
CA HIS C 96 -32.81 -6.96 19.45
C HIS C 96 -31.82 -6.02 20.15
N HIS C 97 -30.99 -5.38 19.31
CA HIS C 97 -30.00 -4.40 19.73
C HIS C 97 -28.91 -4.97 20.65
N ALA C 98 -28.75 -6.30 20.73
CA ALA C 98 -27.88 -6.87 21.76
C ALA C 98 -26.44 -6.40 21.66
N PHE C 99 -25.97 -6.05 20.48
CA PHE C 99 -24.59 -5.59 20.31
C PHE C 99 -24.56 -4.22 19.65
N HIS C 100 -25.58 -3.41 19.90
CA HIS C 100 -25.66 -2.07 19.34
C HIS C 100 -24.45 -1.24 19.76
N LYS C 101 -23.84 -0.56 18.79
CA LYS C 101 -22.70 0.33 19.04
C LYS C 101 -21.54 -0.39 19.73
N CYS C 102 -21.37 -1.68 19.44
CA CYS C 102 -20.16 -2.38 19.86
C CYS C 102 -19.11 -2.12 18.79
N VAL C 103 -18.58 -0.90 18.82
CA VAL C 103 -17.80 -0.39 17.70
C VAL C 103 -16.43 -1.01 17.59
N SER C 104 -15.99 -1.77 18.61
CA SER C 104 -14.70 -2.45 18.59
C SER C 104 -14.81 -3.95 18.30
N LEU C 105 -16.01 -4.48 18.14
CA LEU C 105 -16.19 -5.90 17.84
C LEU C 105 -15.81 -6.12 16.37
N ALA C 106 -14.61 -6.65 16.14
CA ALA C 106 -14.11 -6.82 14.78
C ALA C 106 -14.49 -8.15 14.15
N GLY C 107 -14.80 -9.16 14.96
CA GLY C 107 -15.24 -10.44 14.46
C GLY C 107 -16.09 -11.11 15.51
N ILE C 108 -16.85 -12.12 15.08
CA ILE C 108 -17.67 -12.89 16.03
C ILE C 108 -18.01 -14.24 15.43
N VAL C 109 -17.86 -15.28 16.24
CA VAL C 109 -18.07 -16.67 15.81
C VAL C 109 -19.42 -17.13 16.36
N PHE C 110 -20.36 -17.45 15.45
CA PHE C 110 -21.66 -17.92 15.95
C PHE C 110 -21.64 -19.42 16.16
N PRO C 111 -22.22 -19.92 17.25
CA PRO C 111 -22.31 -21.37 17.44
C PRO C 111 -23.30 -21.99 16.47
N ARG C 112 -23.13 -23.29 16.25
CA ARG C 112 -23.80 -24.09 15.23
C ARG C 112 -25.29 -24.33 15.50
N SER C 113 -25.86 -23.90 16.62
CA SER C 113 -27.29 -24.09 16.85
C SER C 113 -28.02 -22.76 17.04
N LEU C 114 -27.39 -21.62 16.75
CA LEU C 114 -28.04 -20.33 16.85
C LEU C 114 -29.23 -20.26 15.90
N GLN C 115 -30.39 -19.91 16.43
CA GLN C 115 -31.60 -19.97 15.63
C GLN C 115 -32.18 -18.61 15.26
N VAL C 116 -32.06 -17.61 16.14
CA VAL C 116 -32.78 -16.36 16.01
C VAL C 116 -31.85 -15.19 16.29
N ILE C 117 -31.85 -14.21 15.38
CA ILE C 117 -31.14 -12.94 15.54
C ILE C 117 -32.18 -11.84 15.39
N GLY C 118 -32.40 -11.08 16.47
CA GLY C 118 -33.41 -10.05 16.48
C GLY C 118 -33.07 -8.86 15.59
N GLN C 119 -33.94 -7.86 15.66
CA GLN C 119 -33.73 -6.62 14.93
C GLN C 119 -32.49 -5.89 15.45
N ASP C 120 -31.76 -5.26 14.53
CA ASP C 120 -30.71 -4.29 14.88
C ASP C 120 -29.65 -4.83 15.84
N VAL C 121 -29.44 -6.16 15.86
CA VAL C 121 -28.56 -6.77 16.86
C VAL C 121 -27.14 -6.21 16.73
N PHE C 122 -26.64 -6.08 15.51
CA PHE C 122 -25.29 -5.55 15.28
C PHE C 122 -25.30 -4.15 14.67
N SER C 123 -26.38 -3.39 14.89
CA SER C 123 -26.45 -2.00 14.47
C SER C 123 -25.22 -1.22 14.94
N SER C 124 -24.56 -0.52 14.00
CA SER C 124 -23.43 0.37 14.25
C SER C 124 -22.19 -0.36 14.78
N CYS C 125 -22.04 -1.65 14.44
CA CYS C 125 -20.81 -2.38 14.74
C CYS C 125 -19.80 -2.12 13.61
N GLY C 126 -19.15 -0.96 13.71
CA GLY C 126 -18.43 -0.39 12.60
C GLY C 126 -17.10 -1.06 12.28
N SER C 127 -16.61 -1.95 13.14
CA SER C 127 -15.37 -2.65 12.83
C SER C 127 -15.60 -4.12 12.50
N LEU C 128 -16.85 -4.59 12.46
CA LEU C 128 -17.13 -5.99 12.15
C LEU C 128 -16.82 -6.25 10.67
N VAL C 129 -15.95 -7.21 10.40
CA VAL C 129 -15.45 -7.46 9.04
C VAL C 129 -16.13 -8.65 8.37
N ASP C 130 -16.16 -9.81 9.02
CA ASP C 130 -16.70 -11.03 8.44
C ASP C 130 -17.83 -11.57 9.30
N VAL C 131 -18.88 -12.09 8.65
CA VAL C 131 -20.00 -12.73 9.33
C VAL C 131 -20.33 -14.03 8.60
N VAL C 132 -20.29 -15.15 9.32
CA VAL C 132 -20.74 -16.44 8.81
C VAL C 132 -21.92 -16.89 9.67
N LEU C 133 -23.10 -16.91 9.07
CA LEU C 133 -24.31 -17.32 9.78
C LEU C 133 -24.51 -18.81 9.61
N PRO C 134 -24.56 -19.60 10.69
CA PRO C 134 -24.81 -21.04 10.54
C PRO C 134 -26.20 -21.31 9.97
N ASN C 135 -26.32 -22.50 9.37
CA ASN C 135 -27.53 -22.91 8.70
C ASN C 135 -28.65 -23.22 9.68
N SER C 136 -28.35 -23.22 10.97
CA SER C 136 -29.40 -23.26 11.98
C SER C 136 -30.18 -21.96 12.09
N VAL C 137 -29.66 -20.85 11.56
CA VAL C 137 -30.31 -19.55 11.73
C VAL C 137 -31.56 -19.52 10.86
N LYS C 138 -32.72 -19.40 11.49
CA LYS C 138 -33.97 -19.36 10.76
C LYS C 138 -34.70 -18.02 10.86
N GLU C 139 -34.11 -17.04 11.54
CA GLU C 139 -34.74 -15.74 11.71
C GLU C 139 -33.65 -14.68 11.85
N ILE C 140 -33.70 -13.68 11.00
CA ILE C 140 -32.78 -12.55 11.06
C ILE C 140 -33.61 -11.28 10.96
N GLY C 141 -33.54 -10.43 11.98
CA GLY C 141 -34.43 -9.30 12.06
C GLY C 141 -34.00 -8.15 11.18
N SER C 142 -34.92 -7.20 11.00
CA SER C 142 -34.62 -6.03 10.20
C SER C 142 -33.45 -5.25 10.81
N GLY C 143 -32.62 -4.70 9.94
CA GLY C 143 -31.49 -3.90 10.37
C GLY C 143 -30.46 -4.62 11.21
N ALA C 144 -30.38 -5.96 11.13
CA ALA C 144 -29.47 -6.70 12.01
C ALA C 144 -28.00 -6.31 11.79
N PHE C 145 -27.64 -5.90 10.57
CA PHE C 145 -26.27 -5.47 10.27
C PHE C 145 -26.23 -4.01 9.80
N ARG C 146 -27.19 -3.22 10.28
CA ARG C 146 -27.29 -1.81 9.94
C ARG C 146 -26.00 -1.07 10.30
N ASP C 147 -25.47 -0.32 9.33
CA ASP C 147 -24.36 0.60 9.56
C ASP C 147 -23.10 -0.11 10.05
N CYS C 148 -22.93 -1.37 9.63
CA CYS C 148 -21.67 -2.10 9.77
C CYS C 148 -20.76 -1.67 8.61
N ALA C 149 -20.05 -0.56 8.81
CA ALA C 149 -19.38 0.11 7.69
C ALA C 149 -18.12 -0.61 7.25
N GLU C 150 -17.60 -1.55 8.03
CA GLU C 150 -16.47 -2.35 7.57
C GLU C 150 -16.87 -3.75 7.14
N LEU C 151 -18.15 -4.10 7.26
CA LEU C 151 -18.58 -5.46 6.96
C LEU C 151 -18.32 -5.79 5.49
N ALA C 152 -17.43 -6.75 5.24
CA ALA C 152 -17.01 -7.07 3.89
C ALA C 152 -17.68 -8.32 3.33
N SER C 153 -17.93 -9.32 4.17
CA SER C 153 -18.40 -10.63 3.73
C SER C 153 -19.44 -11.15 4.70
N VAL C 154 -20.55 -11.65 4.15
CA VAL C 154 -21.61 -12.26 4.93
C VAL C 154 -22.02 -13.56 4.26
N ARG C 155 -21.97 -14.65 5.02
CA ARG C 155 -22.53 -15.91 4.56
C ARG C 155 -23.92 -16.05 5.19
N LEU C 156 -24.94 -16.13 4.33
CA LEU C 156 -26.32 -16.34 4.73
C LEU C 156 -26.55 -17.79 5.12
N PRO C 157 -27.59 -18.07 5.91
CA PRO C 157 -27.99 -19.46 6.14
C PRO C 157 -28.60 -20.05 4.87
N VAL C 158 -28.36 -21.34 4.65
CA VAL C 158 -28.84 -21.94 3.42
C VAL C 158 -30.37 -21.94 3.33
N GLY C 159 -31.06 -21.87 4.45
CA GLY C 159 -32.51 -21.92 4.39
C GLY C 159 -33.20 -20.57 4.22
N VAL C 160 -32.45 -19.51 3.93
CA VAL C 160 -32.96 -18.15 4.05
C VAL C 160 -34.04 -17.91 2.99
N LYS C 161 -35.17 -17.39 3.43
CA LYS C 161 -36.28 -17.15 2.52
C LYS C 161 -36.59 -15.67 2.34
N ASN C 162 -36.05 -14.80 3.19
CA ASN C 162 -36.27 -13.36 3.07
C ASN C 162 -35.09 -12.64 3.68
N LEU C 163 -34.79 -11.46 3.16
CA LEU C 163 -33.88 -10.52 3.81
C LEU C 163 -34.73 -9.36 4.31
N ALA C 164 -34.70 -9.15 5.64
CA ALA C 164 -35.59 -8.20 6.28
C ALA C 164 -35.21 -6.76 5.92
N ASP C 165 -36.13 -5.84 6.24
CA ASP C 165 -36.00 -4.43 5.94
C ASP C 165 -34.67 -3.88 6.43
N GLY C 166 -33.95 -3.21 5.53
CA GLY C 166 -32.69 -2.57 5.90
C GLY C 166 -31.65 -3.50 6.49
N LEU C 167 -31.67 -4.78 6.12
CA LEU C 167 -30.75 -5.75 6.72
C LEU C 167 -29.30 -5.28 6.62
N PHE C 168 -28.89 -4.83 5.43
CA PHE C 168 -27.52 -4.35 5.20
C PHE C 168 -27.47 -2.85 4.92
N GLU C 169 -28.45 -2.09 5.40
CA GLU C 169 -28.45 -0.64 5.21
C GLU C 169 -27.16 -0.02 5.74
N GLY C 170 -26.42 0.66 4.87
CA GLY C 170 -25.21 1.33 5.29
C GLY C 170 -23.97 0.45 5.33
N CYS C 171 -24.06 -0.79 4.83
CA CYS C 171 -22.89 -1.68 4.75
C CYS C 171 -22.07 -1.32 3.50
N ARG C 172 -21.39 -0.17 3.60
CA ARG C 172 -20.69 0.42 2.46
C ARG C 172 -19.49 -0.41 2.01
N ASN C 173 -19.00 -1.35 2.82
CA ASN C 173 -17.87 -2.18 2.44
C ASN C 173 -18.27 -3.60 2.01
N LEU C 174 -19.56 -3.91 1.96
CA LEU C 174 -20.00 -5.27 1.65
C LEU C 174 -19.72 -5.64 0.19
N VAL C 175 -18.89 -6.66 -0.03
CA VAL C 175 -18.57 -7.13 -1.38
C VAL C 175 -18.99 -8.55 -1.64
N GLU C 176 -19.31 -9.33 -0.62
CA GLU C 176 -19.48 -10.77 -0.76
C GLU C 176 -20.70 -11.19 0.03
N LEU C 177 -21.61 -11.90 -0.62
CA LEU C 177 -22.83 -12.41 0.00
C LEU C 177 -22.94 -13.88 -0.39
N GLY C 178 -22.44 -14.77 0.48
CA GLY C 178 -22.49 -16.19 0.22
C GLY C 178 -23.84 -16.83 0.56
N ASN C 179 -24.07 -17.99 -0.05
CA ASN C 179 -25.28 -18.78 0.15
C ASN C 179 -26.53 -18.03 -0.30
N LEU C 180 -26.40 -17.21 -1.31
CA LEU C 180 -27.57 -16.56 -1.90
C LEU C 180 -28.42 -17.64 -2.57
N PRO C 181 -29.67 -17.81 -2.18
CA PRO C 181 -30.47 -18.93 -2.69
C PRO C 181 -30.98 -18.65 -4.10
N GLU C 182 -31.74 -19.62 -4.61
CA GLU C 182 -32.39 -19.51 -5.91
C GLU C 182 -33.69 -18.73 -5.85
N LYS C 183 -34.28 -18.62 -4.67
CA LYS C 183 -35.51 -17.87 -4.47
C LYS C 183 -35.39 -17.17 -3.12
N VAL C 184 -35.61 -15.87 -3.11
CA VAL C 184 -35.57 -15.12 -1.86
C VAL C 184 -36.42 -13.88 -2.05
N SER C 185 -36.95 -13.38 -0.96
CA SER C 185 -37.77 -12.17 -0.94
C SER C 185 -37.02 -11.08 -0.21
N PHE C 186 -37.33 -9.84 -0.54
CA PHE C 186 -36.58 -8.69 -0.04
C PHE C 186 -37.53 -7.76 0.67
N GLY C 187 -37.16 -7.36 1.87
CA GLY C 187 -37.83 -6.28 2.55
C GLY C 187 -37.45 -4.94 1.93
N VAL C 188 -37.84 -3.88 2.61
CA VAL C 188 -37.65 -2.53 2.11
C VAL C 188 -36.20 -2.12 2.35
N GLY C 189 -35.51 -1.73 1.29
CA GLY C 189 -34.21 -1.08 1.40
C GLY C 189 -33.10 -1.95 1.96
N VAL C 190 -33.11 -3.24 1.61
CA VAL C 190 -32.13 -4.19 2.14
C VAL C 190 -30.70 -3.70 1.94
N PHE C 191 -30.42 -3.12 0.76
CA PHE C 191 -29.06 -2.79 0.35
C PHE C 191 -28.84 -1.29 0.17
N VAL C 192 -29.68 -0.46 0.78
CA VAL C 192 -29.46 0.98 0.79
C VAL C 192 -28.07 1.28 1.32
N GLY C 193 -27.27 2.01 0.54
CA GLY C 193 -25.93 2.39 0.97
C GLY C 193 -24.87 1.32 0.81
N CYS C 194 -25.16 0.25 0.07
CA CYS C 194 -24.18 -0.83 -0.14
C CYS C 194 -23.43 -0.54 -1.43
N TYR C 195 -22.50 0.41 -1.34
CA TYR C 195 -21.83 0.94 -2.51
C TYR C 195 -20.89 -0.07 -3.18
N ARG C 196 -20.29 -0.97 -2.40
CA ARG C 196 -19.24 -1.86 -2.91
C ARG C 196 -19.76 -3.15 -3.53
N LEU C 197 -21.09 -3.35 -3.54
CA LEU C 197 -21.64 -4.57 -4.11
C LEU C 197 -21.22 -4.71 -5.58
N PRO C 198 -20.53 -5.79 -5.94
CA PRO C 198 -20.13 -5.97 -7.34
C PRO C 198 -21.33 -5.95 -8.27
N ASP C 199 -21.12 -5.44 -9.50
CA ASP C 199 -22.23 -5.36 -10.45
C ASP C 199 -22.84 -6.73 -10.68
N VAL C 200 -22.01 -7.79 -10.75
CA VAL C 200 -22.55 -9.14 -10.87
C VAL C 200 -23.49 -9.45 -9.70
N LEU C 201 -23.14 -8.99 -8.49
CA LEU C 201 -23.99 -9.27 -7.32
C LEU C 201 -25.25 -8.41 -7.34
N LYS C 202 -25.12 -7.14 -7.71
CA LYS C 202 -26.31 -6.29 -7.82
C LYS C 202 -27.29 -6.87 -8.82
N ARG C 203 -26.79 -7.34 -9.96
CA ARG C 203 -27.70 -7.95 -10.92
C ARG C 203 -28.26 -9.27 -10.39
N SER C 204 -27.46 -10.03 -9.63
CA SER C 204 -28.01 -11.24 -9.04
C SER C 204 -29.21 -10.92 -8.15
N VAL C 205 -29.04 -10.00 -7.20
CA VAL C 205 -30.17 -9.72 -6.30
C VAL C 205 -31.31 -9.05 -7.05
N ARG C 206 -31.02 -8.20 -8.04
CA ARG C 206 -32.10 -7.63 -8.84
C ARG C 206 -32.86 -8.71 -9.59
N LYS C 207 -32.14 -9.68 -10.15
CA LYS C 207 -32.81 -10.80 -10.82
C LYS C 207 -33.61 -11.64 -9.83
N LEU C 208 -33.14 -11.73 -8.58
CA LEU C 208 -33.89 -12.42 -7.54
C LEU C 208 -35.17 -11.67 -7.15
N GLY C 209 -35.27 -10.39 -7.50
CA GLY C 209 -36.49 -9.65 -7.27
C GLY C 209 -36.31 -8.38 -6.46
N TYR C 210 -35.07 -8.02 -6.12
CA TYR C 210 -34.85 -6.80 -5.32
C TYR C 210 -35.16 -5.56 -6.16
N LYS C 211 -36.11 -4.76 -5.68
CA LYS C 211 -36.51 -3.53 -6.34
C LYS C 211 -36.01 -2.29 -5.61
N GLY C 212 -35.30 -2.44 -4.49
CA GLY C 212 -34.90 -1.30 -3.69
C GLY C 212 -33.69 -0.57 -4.25
N GLU C 213 -33.16 0.34 -3.43
CA GLU C 213 -32.01 1.15 -3.82
C GLU C 213 -30.70 0.56 -3.33
N PHE C 214 -29.62 0.86 -4.06
CA PHE C 214 -28.27 0.67 -3.59
C PHE C 214 -27.63 1.97 -3.11
N ALA C 215 -28.00 3.10 -3.71
CA ALA C 215 -27.57 4.41 -3.23
C ALA C 215 -28.04 4.64 -1.80
N ALA C 216 -27.26 5.41 -1.05
CA ALA C 216 -27.60 5.79 0.31
C ALA C 216 -28.69 6.85 0.29
N ALA C 217 -29.57 6.81 1.29
CA ALA C 217 -30.63 7.81 1.43
C ALA C 217 -30.03 9.17 1.74
N LYS D 4 3.43 -12.93 32.26
CA LYS D 4 4.75 -12.41 32.61
C LYS D 4 5.33 -11.47 31.53
N GLU D 5 5.31 -10.18 31.78
CA GLU D 5 5.78 -9.21 30.78
C GLU D 5 7.27 -8.93 30.95
N THR D 6 7.91 -8.57 29.84
CA THR D 6 9.31 -8.15 29.88
C THR D 6 9.40 -6.82 30.61
N PRO D 7 10.28 -6.68 31.60
CA PRO D 7 10.36 -5.40 32.34
C PRO D 7 10.63 -4.22 31.43
N ALA D 8 10.08 -3.07 31.83
CA ALA D 8 10.18 -1.85 31.01
C ALA D 8 11.62 -1.38 30.82
N LYS D 9 12.53 -1.76 31.71
CA LYS D 9 13.91 -1.30 31.60
C LYS D 9 14.63 -1.85 30.37
N PHE D 10 14.12 -2.93 29.78
CA PHE D 10 14.71 -3.49 28.57
C PHE D 10 14.26 -2.78 27.29
N PHE D 11 13.58 -1.63 27.39
CA PHE D 11 13.10 -0.87 26.24
C PHE D 11 13.44 0.61 26.37
N GLN D 12 13.83 1.20 25.25
CA GLN D 12 13.74 2.64 25.06
C GLN D 12 12.40 2.95 24.41
N TYR D 13 11.83 4.11 24.76
CA TYR D 13 10.48 4.41 24.37
C TYR D 13 10.23 5.90 24.47
N GLY D 14 9.17 6.34 23.81
CA GLY D 14 8.73 7.72 23.89
C GLY D 14 7.21 7.79 23.92
N LEU D 15 6.71 9.02 23.96
CA LEU D 15 5.27 9.28 24.01
C LEU D 15 4.76 9.62 22.62
N THR D 16 3.49 9.27 22.38
CA THR D 16 2.82 9.69 21.17
C THR D 16 2.69 11.21 21.17
N PRO D 17 2.46 11.81 20.01
CA PRO D 17 2.24 13.27 20.00
C PRO D 17 1.19 13.74 21.01
N ASP D 18 0.10 13.00 21.20
CA ASP D 18 -0.88 13.44 22.20
C ASP D 18 -0.52 13.03 23.63
N ARG D 19 0.56 12.29 23.83
CA ARG D 19 1.04 11.91 25.16
C ARG D 19 0.03 11.03 25.88
N ASP D 20 -0.75 10.29 25.10
CA ASP D 20 -1.70 9.32 25.63
C ASP D 20 -1.30 7.89 25.32
N GLY D 21 -0.09 7.66 24.82
CA GLY D 21 0.35 6.31 24.54
C GLY D 21 1.85 6.21 24.41
N ILE D 22 2.34 4.96 24.45
CA ILE D 22 3.77 4.67 24.49
C ILE D 22 4.21 4.13 23.14
N ILE D 23 5.30 4.68 22.62
CA ILE D 23 5.95 4.21 21.40
C ILE D 23 7.25 3.52 21.79
N ILE D 24 7.36 2.22 21.49
CA ILE D 24 8.61 1.49 21.75
C ILE D 24 9.60 1.79 20.62
N THR D 25 10.76 2.33 20.98
CA THR D 25 11.74 2.69 19.96
C THR D 25 12.95 1.77 19.93
N ARG D 26 13.21 1.00 20.98
CA ARG D 26 14.33 0.07 20.91
C ARG D 26 14.20 -1.04 21.94
N TYR D 27 14.37 -2.29 21.50
CA TYR D 27 14.58 -3.40 22.44
C TYR D 27 16.06 -3.47 22.76
N LEU D 28 16.39 -3.43 24.04
CA LEU D 28 17.76 -3.34 24.49
C LEU D 28 18.35 -4.68 24.90
N GLY D 29 17.52 -5.68 25.16
CA GLY D 29 17.98 -6.93 25.70
C GLY D 29 18.52 -7.86 24.63
N LYS D 30 18.78 -9.10 25.05
CA LYS D 30 19.24 -10.16 24.17
C LYS D 30 18.47 -11.44 24.44
N GLY D 31 17.26 -11.30 24.97
CA GLY D 31 16.48 -12.45 25.38
C GLY D 31 15.98 -13.31 24.23
N ILE D 32 15.54 -14.51 24.61
CA ILE D 32 15.00 -15.49 23.66
C ILE D 32 13.53 -15.23 23.40
N ALA D 33 12.80 -14.81 24.42
CA ALA D 33 11.39 -14.48 24.33
C ALA D 33 11.18 -13.08 24.88
N VAL D 34 10.36 -12.28 24.20
CA VAL D 34 10.01 -10.95 24.69
C VAL D 34 8.50 -10.86 24.75
N VAL D 35 7.98 -10.42 25.89
CA VAL D 35 6.55 -10.14 26.06
C VAL D 35 6.44 -8.63 26.29
N LEU D 36 6.13 -7.90 25.23
CA LEU D 36 6.05 -6.45 25.30
C LEU D 36 4.97 -6.05 26.31
N PRO D 37 5.28 -5.20 27.29
CA PRO D 37 4.26 -4.86 28.30
C PRO D 37 3.10 -4.11 27.66
N SER D 38 1.91 -4.33 28.21
CA SER D 38 0.74 -3.65 27.68
C SER D 38 0.70 -2.17 28.08
N GLN D 39 1.36 -1.81 29.18
CA GLN D 39 1.45 -0.43 29.65
C GLN D 39 2.89 -0.13 30.06
N ILE D 40 3.30 1.11 29.85
CA ILE D 40 4.49 1.67 30.45
C ILE D 40 4.10 3.04 30.96
N ASP D 41 4.53 3.37 32.18
CA ASP D 41 4.24 4.66 32.80
C ASP D 41 2.73 4.90 32.96
N GLY D 42 1.94 3.84 33.10
CA GLY D 42 0.49 4.00 33.13
C GLY D 42 -0.18 4.26 31.80
N LEU D 43 0.55 4.23 30.68
CA LEU D 43 0.02 4.51 29.36
C LEU D 43 0.09 3.27 28.47
N PRO D 44 -0.91 3.04 27.61
CA PRO D 44 -0.89 1.83 26.77
C PRO D 44 0.20 1.91 25.70
N VAL D 45 0.82 0.77 25.43
CA VAL D 45 1.81 0.66 24.37
C VAL D 45 1.08 0.57 23.03
N VAL D 46 1.30 1.55 22.16
CA VAL D 46 0.49 1.66 20.95
C VAL D 46 1.29 1.50 19.67
N GLU D 47 2.62 1.47 19.74
CA GLU D 47 3.38 1.36 18.50
C GLU D 47 4.73 0.69 18.78
N VAL D 48 5.17 -0.11 17.82
CA VAL D 48 6.54 -0.60 17.75
C VAL D 48 7.19 0.19 16.62
N ALA D 49 8.13 1.06 16.97
CA ALA D 49 8.59 2.06 16.02
C ALA D 49 9.68 1.49 15.12
N THR D 50 10.12 2.35 14.18
CA THR D 50 11.17 2.05 13.21
C THR D 50 12.35 1.32 13.85
N LYS D 51 12.68 0.14 13.31
CA LYS D 51 13.88 -0.60 13.67
C LYS D 51 13.96 -0.99 15.16
N ALA D 52 12.84 -0.99 15.90
CA ALA D 52 12.91 -1.21 17.35
C ALA D 52 13.55 -2.56 17.71
N PHE D 53 13.29 -3.60 16.91
CA PHE D 53 13.92 -4.89 17.12
C PHE D 53 14.89 -5.24 15.99
N TYR D 54 15.45 -4.22 15.35
CA TYR D 54 16.30 -4.42 14.17
C TYR D 54 17.49 -5.32 14.50
N GLY D 55 17.68 -6.35 13.67
CA GLY D 55 18.80 -7.26 13.84
C GLY D 55 18.83 -8.01 15.16
N CYS D 56 17.69 -8.19 15.83
CA CYS D 56 17.66 -8.90 17.11
C CYS D 56 17.64 -10.41 16.83
N VAL D 57 18.83 -10.94 16.53
CA VAL D 57 18.95 -12.34 16.11
C VAL D 57 18.70 -13.35 17.22
N SER D 58 18.66 -12.92 18.49
CA SER D 58 18.47 -13.84 19.61
C SER D 58 17.01 -14.24 19.80
N LEU D 59 16.09 -13.42 19.32
CA LEU D 59 14.68 -13.57 19.62
C LEU D 59 14.06 -14.74 18.88
N VAL D 60 13.35 -15.59 19.61
CA VAL D 60 12.65 -16.71 19.02
C VAL D 60 11.14 -16.49 19.05
N ARG D 61 10.62 -15.86 20.11
CA ARG D 61 9.20 -15.57 20.29
C ARG D 61 9.01 -14.14 20.78
N VAL D 62 7.98 -13.49 20.26
CA VAL D 62 7.61 -12.12 20.63
C VAL D 62 6.09 -12.06 20.73
N SER D 63 5.57 -11.42 21.77
CA SER D 63 4.15 -11.11 21.84
C SER D 63 3.93 -9.62 22.03
N LEU D 64 2.96 -9.09 21.32
CA LEU D 64 2.67 -7.68 21.40
C LEU D 64 1.30 -7.48 22.03
N PRO D 65 1.14 -6.47 22.89
CA PRO D 65 -0.17 -6.25 23.52
C PRO D 65 -1.19 -5.77 22.50
N SER D 66 -2.47 -6.00 22.83
CA SER D 66 -3.53 -5.75 21.88
C SER D 66 -3.65 -4.28 21.48
N SER D 67 -3.09 -3.37 22.27
CA SER D 67 -3.18 -1.93 22.00
C SER D 67 -2.21 -1.44 20.93
N VAL D 68 -1.27 -2.26 20.48
CA VAL D 68 -0.34 -1.83 19.44
C VAL D 68 -1.10 -1.72 18.12
N ARG D 69 -1.05 -0.52 17.52
CA ARG D 69 -1.76 -0.21 16.29
C ARG D 69 -0.85 -0.15 15.07
N MET D 70 0.45 0.00 15.29
CA MET D 70 1.40 0.29 14.22
C MET D 70 2.69 -0.45 14.50
N ILE D 71 3.17 -1.17 13.49
CA ILE D 71 4.51 -1.72 13.48
C ILE D 71 5.27 -0.97 12.40
N GLY D 72 6.29 -0.22 12.80
CA GLY D 72 6.97 0.69 11.90
C GLY D 72 8.00 0.00 11.00
N GLN D 73 8.60 0.81 10.12
CA GLN D 73 9.68 0.44 9.22
C GLN D 73 10.66 -0.51 9.86
N HIS D 74 10.97 -1.61 9.19
CA HIS D 74 12.13 -2.43 9.56
C HIS D 74 12.07 -2.87 11.03
N ALA D 75 10.88 -2.88 11.65
CA ALA D 75 10.78 -3.08 13.09
C ALA D 75 11.41 -4.41 13.53
N PHE D 76 11.22 -5.47 12.75
CA PHE D 76 11.79 -6.78 13.05
C PHE D 76 12.69 -7.29 11.93
N ASP D 77 13.09 -6.39 11.04
CA ASP D 77 14.04 -6.69 9.99
C ASP D 77 15.27 -7.41 10.54
N GLY D 78 15.57 -8.60 10.02
CA GLY D 78 16.78 -9.29 10.42
C GLY D 78 16.68 -10.09 11.70
N CYS D 79 15.47 -10.28 12.23
CA CYS D 79 15.26 -11.19 13.37
C CYS D 79 15.20 -12.61 12.83
N THR D 80 16.39 -13.12 12.51
CA THR D 80 16.54 -14.37 11.78
C THR D 80 16.09 -15.61 12.56
N LYS D 81 16.03 -15.57 13.90
CA LYS D 81 15.55 -16.72 14.67
C LYS D 81 14.09 -16.59 15.09
N LEU D 82 13.44 -15.46 14.84
CA LEU D 82 12.05 -15.27 15.25
C LEU D 82 11.15 -16.30 14.60
N ALA D 83 10.56 -17.17 15.41
CA ALA D 83 9.74 -18.27 14.91
C ALA D 83 8.25 -17.98 14.93
N ARG D 84 7.77 -17.26 15.94
CA ARG D 84 6.35 -16.97 16.12
C ARG D 84 6.18 -15.56 16.67
N ILE D 85 5.17 -14.85 16.16
CA ILE D 85 4.78 -13.57 16.74
C ILE D 85 3.26 -13.55 16.94
N GLU D 86 2.81 -13.18 18.14
CA GLU D 86 1.39 -12.96 18.36
C GLU D 86 1.10 -11.49 18.09
N LEU D 87 0.44 -11.21 16.95
CA LEU D 87 0.12 -9.87 16.43
C LEU D 87 -1.09 -9.28 17.17
N PRO D 88 -1.08 -7.98 17.39
CA PRO D 88 -2.10 -7.34 18.24
C PRO D 88 -3.47 -7.26 17.58
N ASP D 89 -4.51 -7.44 18.39
CA ASP D 89 -5.89 -7.21 17.94
C ASP D 89 -6.03 -5.83 17.32
N GLY D 90 -5.34 -4.83 17.88
CA GLY D 90 -5.51 -3.48 17.40
C GLY D 90 -4.67 -3.09 16.21
N LEU D 91 -3.89 -4.01 15.66
CA LEU D 91 -2.93 -3.67 14.62
C LEU D 91 -3.65 -3.19 13.36
N ARG D 92 -3.32 -1.97 12.93
CA ARG D 92 -3.87 -1.37 11.72
C ARG D 92 -2.92 -1.40 10.53
N GLU D 93 -1.61 -1.25 10.76
CA GLU D 93 -0.66 -1.07 9.69
C GLU D 93 0.66 -1.74 10.03
N ILE D 94 1.26 -2.39 9.04
CA ILE D 94 2.64 -2.86 9.10
C ILE D 94 3.40 -2.13 8.00
N ARG D 95 4.39 -1.34 8.37
CA ARG D 95 5.14 -0.54 7.41
C ARG D 95 6.29 -1.32 6.78
N HIS D 96 6.91 -0.71 5.75
CA HIS D 96 7.77 -1.43 4.83
C HIS D 96 8.91 -2.15 5.55
N HIS D 97 9.23 -3.35 5.05
CA HIS D 97 10.37 -4.16 5.51
C HIS D 97 10.24 -4.63 6.95
N ALA D 98 9.07 -4.50 7.58
CA ALA D 98 8.98 -4.74 9.02
C ALA D 98 9.40 -6.17 9.40
N PHE D 99 9.16 -7.15 8.55
CA PHE D 99 9.58 -8.52 8.84
C PHE D 99 10.56 -9.07 7.79
N HIS D 100 11.26 -8.18 7.08
CA HIS D 100 12.25 -8.59 6.10
C HIS D 100 13.30 -9.53 6.71
N LYS D 101 13.60 -10.64 6.03
CA LYS D 101 14.61 -11.62 6.43
C LYS D 101 14.33 -12.21 7.82
N CYS D 102 13.05 -12.30 8.20
CA CYS D 102 12.68 -13.14 9.35
C CYS D 102 12.55 -14.57 8.83
N VAL D 103 13.71 -15.18 8.56
CA VAL D 103 13.76 -16.42 7.79
C VAL D 103 13.24 -17.63 8.55
N SER D 104 13.05 -17.53 9.86
CA SER D 104 12.48 -18.61 10.65
C SER D 104 11.00 -18.43 10.93
N LEU D 105 10.40 -17.33 10.50
CA LEU D 105 9.04 -16.98 10.92
C LEU D 105 8.02 -17.86 10.20
N ALA D 106 7.27 -18.63 10.98
CA ALA D 106 6.16 -19.44 10.48
C ALA D 106 4.88 -19.09 11.23
N GLY D 107 3.75 -19.36 10.59
CA GLY D 107 2.49 -19.41 11.30
C GLY D 107 1.89 -18.08 11.72
N ILE D 108 2.13 -17.00 10.98
CA ILE D 108 1.55 -15.71 11.34
C ILE D 108 0.03 -15.80 11.32
N VAL D 109 -0.61 -15.33 12.39
CA VAL D 109 -2.04 -15.11 12.40
C VAL D 109 -2.26 -13.61 12.32
N PHE D 110 -2.91 -13.16 11.26
CA PHE D 110 -3.15 -11.74 11.07
C PHE D 110 -4.35 -11.28 11.89
N PRO D 111 -4.30 -10.08 12.45
CA PRO D 111 -5.42 -9.58 13.22
C PRO D 111 -6.61 -9.23 12.34
N ARG D 112 -7.75 -9.04 12.99
CA ARG D 112 -9.01 -8.96 12.25
C ARG D 112 -9.22 -7.61 11.58
N SER D 113 -8.51 -6.56 11.99
CA SER D 113 -8.73 -5.20 11.49
C SER D 113 -7.51 -4.62 10.79
N LEU D 114 -6.53 -5.45 10.43
CA LEU D 114 -5.37 -4.96 9.68
C LEU D 114 -5.82 -4.26 8.41
N GLN D 115 -5.33 -3.03 8.20
CA GLN D 115 -5.70 -2.24 7.04
C GLN D 115 -4.65 -2.18 5.96
N VAL D 116 -3.37 -2.07 6.32
CA VAL D 116 -2.31 -1.75 5.36
C VAL D 116 -1.08 -2.62 5.61
N ILE D 117 -0.59 -3.26 4.55
CA ILE D 117 0.72 -3.93 4.55
C ILE D 117 1.61 -3.17 3.56
N GLY D 118 2.70 -2.62 4.06
CA GLY D 118 3.61 -1.85 3.24
C GLY D 118 4.44 -2.73 2.31
N GLN D 119 5.42 -2.11 1.67
CA GLN D 119 6.23 -2.80 0.69
C GLN D 119 7.21 -3.75 1.38
N ASP D 120 7.43 -4.91 0.76
CA ASP D 120 8.51 -5.82 1.15
C ASP D 120 8.41 -6.27 2.61
N VAL D 121 7.21 -6.26 3.18
CA VAL D 121 7.06 -6.48 4.63
C VAL D 121 7.50 -7.87 5.03
N PHE D 122 7.05 -8.90 4.31
CA PHE D 122 7.43 -10.28 4.60
C PHE D 122 8.45 -10.80 3.59
N SER D 123 9.22 -9.87 3.02
CA SER D 123 10.25 -10.20 2.03
C SER D 123 11.30 -11.13 2.65
N SER D 124 11.60 -12.21 1.94
CA SER D 124 12.56 -13.24 2.37
C SER D 124 12.17 -13.93 3.68
N CYS D 125 10.88 -14.10 3.93
CA CYS D 125 10.44 -14.94 5.05
C CYS D 125 10.28 -16.37 4.52
N GLY D 126 11.40 -17.08 4.46
CA GLY D 126 11.48 -18.36 3.77
C GLY D 126 10.94 -19.56 4.51
N SER D 127 10.42 -19.39 5.73
CA SER D 127 9.73 -20.44 6.48
C SER D 127 8.22 -20.28 6.48
N LEU D 128 7.70 -19.15 5.99
CA LEU D 128 6.25 -18.95 5.91
C LEU D 128 5.62 -19.95 4.95
N VAL D 129 4.54 -20.60 5.38
CA VAL D 129 3.86 -21.63 4.59
C VAL D 129 2.45 -21.22 4.21
N ASP D 130 1.67 -20.76 5.18
CA ASP D 130 0.27 -20.38 5.01
C ASP D 130 0.10 -18.91 5.32
N VAL D 131 -0.65 -18.21 4.49
CA VAL D 131 -1.01 -16.83 4.77
C VAL D 131 -2.49 -16.62 4.48
N VAL D 132 -3.22 -16.11 5.47
CA VAL D 132 -4.63 -15.76 5.34
C VAL D 132 -4.75 -14.26 5.60
N LEU D 133 -4.96 -13.48 4.55
CA LEU D 133 -5.09 -12.04 4.77
C LEU D 133 -6.55 -11.68 5.06
N PRO D 134 -6.83 -10.97 6.15
CA PRO D 134 -8.23 -10.64 6.47
C PRO D 134 -8.84 -9.72 5.43
N ASN D 135 -10.18 -9.75 5.37
CA ASN D 135 -10.91 -8.96 4.40
C ASN D 135 -10.94 -7.47 4.74
N SER D 136 -10.37 -7.09 5.88
CA SER D 136 -10.19 -5.68 6.23
C SER D 136 -9.05 -5.02 5.45
N VAL D 137 -8.14 -5.80 4.89
CA VAL D 137 -6.92 -5.27 4.30
C VAL D 137 -7.25 -4.45 3.06
N LYS D 138 -6.83 -3.18 3.05
CA LYS D 138 -7.10 -2.27 1.94
C LYS D 138 -5.91 -2.08 1.01
N GLU D 139 -4.68 -2.35 1.48
CA GLU D 139 -3.48 -2.04 0.72
C GLU D 139 -2.41 -3.09 1.00
N ILE D 140 -1.83 -3.64 -0.05
CA ILE D 140 -0.69 -4.54 0.06
C ILE D 140 0.37 -4.02 -0.90
N GLY D 141 1.54 -3.64 -0.34
CA GLY D 141 2.59 -3.04 -1.15
C GLY D 141 3.38 -4.04 -1.97
N SER D 142 4.12 -3.52 -2.95
CA SER D 142 4.93 -4.37 -3.80
C SER D 142 5.93 -5.18 -2.98
N GLY D 143 6.21 -6.39 -3.48
CA GLY D 143 7.18 -7.26 -2.87
C GLY D 143 6.79 -7.82 -1.52
N ALA D 144 5.51 -7.67 -1.10
CA ALA D 144 5.18 -7.97 0.29
C ALA D 144 5.53 -9.41 0.66
N PHE D 145 5.46 -10.34 -0.28
CA PHE D 145 5.82 -11.73 -0.03
C PHE D 145 6.94 -12.21 -0.94
N ARG D 146 7.80 -11.29 -1.37
CA ARG D 146 8.92 -11.66 -2.22
C ARG D 146 9.83 -12.67 -1.53
N ASP D 147 10.28 -13.67 -2.30
CA ASP D 147 11.27 -14.67 -1.87
C ASP D 147 10.81 -15.41 -0.62
N CYS D 148 9.51 -15.66 -0.51
CA CYS D 148 8.98 -16.55 0.51
C CYS D 148 8.96 -17.95 -0.09
N ALA D 149 10.10 -18.64 0.06
CA ALA D 149 10.34 -19.86 -0.71
C ALA D 149 9.47 -21.02 -0.27
N GLU D 150 8.86 -20.99 0.91
CA GLU D 150 8.00 -22.10 1.32
C GLU D 150 6.52 -21.73 1.34
N LEU D 151 6.19 -20.51 0.93
CA LEU D 151 4.82 -20.03 0.96
C LEU D 151 3.98 -20.80 -0.07
N ALA D 152 3.08 -21.64 0.42
CA ALA D 152 2.29 -22.50 -0.46
C ALA D 152 0.87 -21.99 -0.71
N SER D 153 0.25 -21.33 0.25
CA SER D 153 -1.14 -20.92 0.14
C SER D 153 -1.31 -19.50 0.64
N VAL D 154 -1.95 -18.65 -0.16
CA VAL D 154 -2.27 -17.28 0.25
C VAL D 154 -3.75 -17.03 -0.04
N ARG D 155 -4.49 -16.61 0.99
CA ARG D 155 -5.86 -16.13 0.77
C ARG D 155 -5.83 -14.62 0.71
N LEU D 156 -6.24 -14.07 -0.43
CA LEU D 156 -6.33 -12.64 -0.61
C LEU D 156 -7.54 -12.07 0.13
N PRO D 157 -7.52 -10.77 0.46
CA PRO D 157 -8.77 -10.12 0.88
C PRO D 157 -9.79 -10.21 -0.25
N VAL D 158 -11.05 -10.48 0.10
CA VAL D 158 -12.07 -10.58 -0.95
C VAL D 158 -12.18 -9.24 -1.68
N GLY D 159 -12.31 -9.31 -3.00
CA GLY D 159 -12.42 -8.11 -3.81
C GLY D 159 -11.17 -7.26 -3.88
N VAL D 160 -10.01 -7.84 -3.58
CA VAL D 160 -8.75 -7.11 -3.75
C VAL D 160 -8.67 -6.57 -5.16
N LYS D 161 -8.27 -5.30 -5.30
CA LYS D 161 -8.27 -4.66 -6.61
C LYS D 161 -7.00 -4.87 -7.42
N ASN D 162 -5.84 -4.96 -6.77
CA ASN D 162 -4.56 -4.96 -7.46
C ASN D 162 -3.57 -5.84 -6.71
N LEU D 163 -2.76 -6.55 -7.46
CA LEU D 163 -1.61 -7.30 -6.94
C LEU D 163 -0.37 -6.52 -7.35
N ALA D 164 0.33 -5.97 -6.36
CA ALA D 164 1.41 -5.03 -6.58
C ALA D 164 2.63 -5.70 -7.23
N ASP D 165 3.50 -4.87 -7.83
CA ASP D 165 4.78 -5.30 -8.39
C ASP D 165 5.46 -6.37 -7.56
N GLY D 166 5.84 -7.47 -8.20
CA GLY D 166 6.56 -8.53 -7.53
C GLY D 166 5.98 -9.05 -6.23
N LEU D 167 4.65 -8.99 -6.08
CA LEU D 167 4.03 -9.36 -4.82
C LEU D 167 4.44 -10.77 -4.38
N PHE D 168 4.48 -11.72 -5.33
CA PHE D 168 4.87 -13.09 -5.03
C PHE D 168 6.15 -13.49 -5.75
N GLU D 169 6.97 -12.52 -6.18
CA GLU D 169 8.22 -12.82 -6.85
C GLU D 169 9.06 -13.81 -6.04
N GLY D 170 9.54 -14.85 -6.69
CA GLY D 170 10.36 -15.87 -6.06
C GLY D 170 9.63 -16.88 -5.20
N CYS D 171 8.29 -16.85 -5.18
CA CYS D 171 7.52 -17.80 -4.38
C CYS D 171 7.39 -19.13 -5.13
N ARG D 172 8.52 -19.86 -5.13
CA ARG D 172 8.65 -21.06 -5.95
C ARG D 172 7.78 -22.22 -5.46
N ASN D 173 7.16 -22.13 -4.29
CA ASN D 173 6.24 -23.20 -3.86
C ASN D 173 4.79 -22.76 -3.73
N LEU D 174 4.44 -21.56 -4.19
CA LEU D 174 3.06 -21.09 -4.14
C LEU D 174 2.19 -21.93 -5.06
N VAL D 175 1.14 -22.55 -4.53
CA VAL D 175 0.31 -23.39 -5.39
C VAL D 175 -1.18 -23.08 -5.25
N GLU D 176 -1.52 -22.22 -4.30
CA GLU D 176 -2.92 -21.95 -3.96
C GLU D 176 -3.11 -20.46 -3.71
N LEU D 177 -4.07 -19.86 -4.40
CA LEU D 177 -4.34 -18.43 -4.27
C LEU D 177 -5.84 -18.26 -4.07
N GLY D 178 -6.27 -18.06 -2.83
CA GLY D 178 -7.67 -17.96 -2.51
C GLY D 178 -8.23 -16.55 -2.65
N ASN D 179 -9.55 -16.47 -2.78
CA ASN D 179 -10.26 -15.19 -2.94
C ASN D 179 -9.75 -14.40 -4.13
N LEU D 180 -9.35 -15.09 -5.18
CA LEU D 180 -9.02 -14.40 -6.42
C LEU D 180 -10.30 -13.78 -6.96
N PRO D 181 -10.35 -12.44 -7.16
CA PRO D 181 -11.60 -11.81 -7.60
C PRO D 181 -11.93 -12.11 -9.04
N GLU D 182 -13.07 -11.61 -9.50
CA GLU D 182 -13.42 -11.70 -10.91
C GLU D 182 -12.79 -10.59 -11.74
N LYS D 183 -12.38 -9.51 -11.12
CA LYS D 183 -11.66 -8.44 -11.80
C LYS D 183 -10.49 -8.04 -10.91
N VAL D 184 -9.31 -7.92 -11.51
CA VAL D 184 -8.11 -7.52 -10.76
C VAL D 184 -7.05 -7.09 -11.76
N SER D 185 -6.23 -6.12 -11.36
CA SER D 185 -5.08 -5.70 -12.15
C SER D 185 -3.78 -6.16 -11.49
N PHE D 186 -2.71 -6.13 -12.29
CA PHE D 186 -1.43 -6.72 -11.91
C PHE D 186 -0.33 -5.70 -12.15
N GLY D 187 0.53 -5.51 -11.15
CA GLY D 187 1.78 -4.82 -11.36
C GLY D 187 2.77 -5.67 -12.15
N VAL D 188 4.01 -5.17 -12.19
CA VAL D 188 5.09 -5.84 -12.90
C VAL D 188 5.55 -7.09 -12.13
N GLY D 189 5.73 -8.19 -12.85
CA GLY D 189 6.39 -9.37 -12.31
C GLY D 189 5.78 -9.97 -11.06
N VAL D 190 4.45 -9.93 -10.93
CA VAL D 190 3.77 -10.39 -9.72
C VAL D 190 4.12 -11.84 -9.41
N PHE D 191 4.19 -12.70 -10.44
CA PHE D 191 4.41 -14.13 -10.24
C PHE D 191 5.75 -14.62 -10.79
N VAL D 192 6.71 -13.72 -10.97
CA VAL D 192 8.04 -14.14 -11.42
C VAL D 192 8.61 -15.14 -10.42
N GLY D 193 9.16 -16.24 -10.95
CA GLY D 193 9.72 -17.29 -10.10
C GLY D 193 8.71 -18.19 -9.42
N CYS D 194 7.42 -18.05 -9.72
CA CYS D 194 6.38 -18.92 -9.15
C CYS D 194 6.15 -20.12 -10.08
N TYR D 195 7.19 -20.95 -10.21
CA TYR D 195 7.12 -21.95 -11.25
C TYR D 195 6.38 -23.21 -10.82
N ARG D 196 5.81 -23.24 -9.61
CA ARG D 196 4.92 -24.32 -9.20
C ARG D 196 3.45 -23.90 -9.21
N LEU D 197 3.12 -22.69 -9.66
CA LEU D 197 1.72 -22.33 -9.81
C LEU D 197 1.04 -23.36 -10.70
N PRO D 198 -0.09 -23.93 -10.27
CA PRO D 198 -0.78 -24.94 -11.09
C PRO D 198 -1.37 -24.34 -12.36
N ASP D 199 -1.51 -25.20 -13.38
CA ASP D 199 -1.93 -24.73 -14.69
C ASP D 199 -3.27 -24.02 -14.63
N VAL D 200 -4.20 -24.52 -13.82
CA VAL D 200 -5.50 -23.86 -13.70
C VAL D 200 -5.34 -22.45 -13.14
N LEU D 201 -4.42 -22.30 -12.19
CA LEU D 201 -4.19 -20.97 -11.60
C LEU D 201 -3.52 -20.05 -12.60
N LYS D 202 -2.59 -20.59 -13.39
CA LYS D 202 -1.92 -19.77 -14.41
C LYS D 202 -2.88 -19.34 -15.49
N ARG D 203 -3.78 -20.24 -15.92
CA ARG D 203 -4.80 -19.83 -16.89
C ARG D 203 -5.74 -18.81 -16.28
N SER D 204 -6.02 -18.93 -14.99
CA SER D 204 -6.92 -18.00 -14.33
C SER D 204 -6.32 -16.58 -14.30
N VAL D 205 -5.09 -16.43 -13.84
CA VAL D 205 -4.52 -15.08 -13.80
C VAL D 205 -4.26 -14.56 -15.21
N ARG D 206 -3.98 -15.45 -16.17
CA ARG D 206 -3.87 -15.02 -17.56
C ARG D 206 -5.19 -14.46 -18.08
N LYS D 207 -6.29 -15.16 -17.78
CA LYS D 207 -7.62 -14.69 -18.19
C LYS D 207 -7.97 -13.38 -17.50
N LEU D 208 -7.42 -13.14 -16.30
CA LEU D 208 -7.60 -11.87 -15.60
C LEU D 208 -6.72 -10.74 -16.14
N GLY D 209 -5.75 -11.04 -17.00
CA GLY D 209 -4.95 -10.01 -17.63
C GLY D 209 -3.50 -9.94 -17.21
N TYR D 210 -2.98 -10.96 -16.54
CA TYR D 210 -1.56 -10.99 -16.20
C TYR D 210 -0.76 -11.40 -17.42
N LYS D 211 0.17 -10.53 -17.83
CA LYS D 211 1.03 -10.74 -19.00
C LYS D 211 2.47 -11.02 -18.64
N GLY D 212 2.83 -10.95 -17.35
CA GLY D 212 4.19 -11.19 -16.91
C GLY D 212 4.58 -12.65 -17.01
N GLU D 213 5.71 -12.97 -16.35
CA GLU D 213 6.33 -14.29 -16.40
C GLU D 213 5.98 -15.12 -15.17
N PHE D 214 6.17 -16.43 -15.30
CA PHE D 214 6.13 -17.35 -14.18
C PHE D 214 7.48 -17.99 -13.86
N ALA D 215 8.37 -18.15 -14.84
CA ALA D 215 9.69 -18.71 -14.56
C ALA D 215 10.57 -17.67 -13.86
N ALA D 216 11.64 -18.15 -13.22
CA ALA D 216 12.51 -17.24 -12.45
C ALA D 216 13.25 -16.27 -13.37
#